data_4DJH
#
_entry.id   4DJH
#
_cell.length_a   54.896
_cell.length_b   147.297
_cell.length_c   205.288
_cell.angle_alpha   90.00
_cell.angle_beta   90.00
_cell.angle_gamma   90.00
#
_symmetry.space_group_name_H-M   'P 21 21 21'
#
loop_
_entity.id
_entity.type
_entity.pdbx_description
1 polymer 'Kappa-type opioid receptor, Lysozyme'
2 non-polymer (3R)-7-hydroxy-N-{(2S)-1-[(3R,4R)-4-(3-hydroxyphenyl)-3,4-dimethylpiperidin-1-yl]-3-methylbutan-2-yl}-1,2,3,4-tetrahydroisoquinoline-3-carboxamide
3 non-polymer 'CITRIC ACID'
4 non-polymer '(2R)-2,3-dihydroxypropyl (9Z)-octadec-9-enoate'
5 non-polymer DI(HYDROXYETHYL)ETHER
6 water water
#
_entity_poly.entity_id   1
_entity_poly.type   'polypeptide(L)'
_entity_poly.pdbx_seq_one_letter_code
;GGTTMGSEDAQLEPAHISPAIPVIITAVYSVVFVVGLVGNSLVMFVIIRYTKMKTATNIYIFNLALADALVTTTMPFQST
VYLMNSWPFGDVLCKIVLSIDYYNMFTSIFTLTMMSVDRYIAVCHPVKALDFRTPLKAKIINICIWLLSSSVGISAIVLG
GTKVREDVDVIECSLQFPDDDYSWWDLFMKICVFIFAFVIPVLIIIVCYTLMILRLKSVRLLSGNIFEMLRIDEGLRLKI
YKDTEGYYTIGIGHLLTKSPSLNAAKSELDKAIGRNTNGVITKDEAEKLFNQDVDAAVRGILRNAKLKPVYDSLDAVRRA
ALINMVFQMGETGVAGFTNSLRMLQQKRWDEAAVNLAKSRWYNQTPNRAKRVITTFRTGTWDAYREKDRNLRRITRLVLV
VVAVFVVCWTPIHIFILVEALGSTSHSTAALSSYYFCIALGYTNSSLNPILYAFLDENFKRCFRDFCFPLKMRMERQSTS
;
_entity_poly.pdbx_strand_id   A,B
#
loop_
_chem_comp.id
_chem_comp.type
_chem_comp.name
_chem_comp.formula
CIT non-polymer 'CITRIC ACID' 'C6 H8 O7'
JDC non-polymer (3R)-7-hydroxy-N-{(2S)-1-[(3R,4R)-4-(3-hydroxyphenyl)-3,4-dimethylpiperidin-1-yl]-3-methylbutan-2-yl}-1,2,3,4-tetrahydroisoquinoline-3-carboxamide 'C28 H39 N3 O3'
OLC non-polymer '(2R)-2,3-dihydroxypropyl (9Z)-octadec-9-enoate' 'C21 H40 O4'
PEG non-polymer DI(HYDROXYETHYL)ETHER 'C4 H10 O3'
#
# COMPACT_ATOMS: atom_id res chain seq x y z
N SER A 18 -19.49 -32.15 -9.98
CA SER A 18 -18.19 -32.42 -9.36
C SER A 18 -18.08 -31.73 -8.00
N PRO A 19 -17.37 -32.37 -7.05
CA PRO A 19 -17.17 -31.82 -5.70
C PRO A 19 -16.31 -30.54 -5.66
N ALA A 20 -15.57 -30.27 -6.73
CA ALA A 20 -14.68 -29.11 -6.78
C ALA A 20 -15.45 -27.80 -6.98
N ILE A 21 -16.56 -27.85 -7.71
CA ILE A 21 -17.33 -26.65 -8.03
C ILE A 21 -17.57 -25.75 -6.83
N PRO A 22 -18.25 -26.27 -5.79
CA PRO A 22 -18.48 -25.44 -4.60
C PRO A 22 -17.19 -24.84 -4.04
N VAL A 23 -16.17 -25.68 -3.85
CA VAL A 23 -14.88 -25.24 -3.33
C VAL A 23 -14.28 -24.10 -4.16
N ILE A 24 -14.23 -24.30 -5.47
CA ILE A 24 -13.71 -23.30 -6.38
C ILE A 24 -14.56 -22.02 -6.32
N ILE A 25 -15.88 -22.19 -6.36
CA ILE A 25 -16.78 -21.05 -6.33
C ILE A 25 -16.68 -20.30 -5.01
N THR A 26 -16.61 -21.05 -3.91
CA THR A 26 -16.48 -20.43 -2.59
C THR A 26 -15.24 -19.55 -2.58
N ALA A 27 -14.11 -20.13 -3.00
CA ALA A 27 -12.84 -19.44 -2.98
C ALA A 27 -12.91 -18.18 -3.83
N VAL A 28 -13.26 -18.33 -5.10
CA VAL A 28 -13.35 -17.19 -6.00
C VAL A 28 -14.27 -16.14 -5.39
N TYR A 29 -15.44 -16.57 -4.94
CA TYR A 29 -16.42 -15.66 -4.35
C TYR A 29 -15.77 -14.78 -3.27
N SER A 30 -15.01 -15.41 -2.37
CA SER A 30 -14.36 -14.70 -1.26
C SER A 30 -13.34 -13.65 -1.71
N VAL A 31 -12.43 -14.05 -2.59
CA VAL A 31 -11.45 -13.14 -3.17
C VAL A 31 -12.15 -11.92 -3.76
N VAL A 32 -13.21 -12.15 -4.53
CA VAL A 32 -13.88 -11.05 -5.19
C VAL A 32 -14.48 -10.11 -4.14
N PHE A 33 -15.13 -10.68 -3.14
CA PHE A 33 -15.75 -9.87 -2.10
C PHE A 33 -14.73 -9.03 -1.34
N VAL A 34 -13.62 -9.62 -0.96
CA VAL A 34 -12.63 -8.92 -0.15
C VAL A 34 -11.92 -7.82 -0.93
N VAL A 35 -11.44 -8.15 -2.14
CA VAL A 35 -10.79 -7.18 -3.01
C VAL A 35 -11.78 -6.09 -3.39
N GLY A 36 -13.03 -6.48 -3.62
CA GLY A 36 -14.06 -5.54 -4.03
C GLY A 36 -14.45 -4.60 -2.90
N LEU A 37 -14.52 -5.16 -1.69
CA LEU A 37 -14.91 -4.36 -0.53
C LEU A 37 -13.70 -3.61 0.04
N VAL A 38 -12.61 -4.34 0.28
CA VAL A 38 -11.41 -3.73 0.83
C VAL A 38 -10.71 -2.85 -0.20
N GLY A 39 -10.78 -3.24 -1.46
CA GLY A 39 -10.16 -2.47 -2.51
C GLY A 39 -10.76 -1.08 -2.62
N ASN A 40 -12.07 -1.00 -2.86
CA ASN A 40 -12.70 0.29 -3.13
C ASN A 40 -12.76 1.18 -1.90
N SER A 41 -12.96 0.57 -0.74
CA SER A 41 -13.02 1.34 0.49
C SER A 41 -11.67 1.99 0.73
N LEU A 42 -10.61 1.34 0.29
CA LEU A 42 -9.25 1.86 0.43
C LEU A 42 -9.07 3.08 -0.47
N VAL A 43 -9.53 2.96 -1.71
CA VAL A 43 -9.48 4.04 -2.68
C VAL A 43 -10.24 5.25 -2.17
N MET A 44 -11.50 5.05 -1.82
CA MET A 44 -12.33 6.15 -1.32
C MET A 44 -11.60 6.93 -0.24
N PHE A 45 -11.02 6.21 0.73
CA PHE A 45 -10.38 6.85 1.86
C PHE A 45 -9.13 7.60 1.41
N VAL A 46 -8.27 6.93 0.67
CA VAL A 46 -7.01 7.51 0.23
C VAL A 46 -7.22 8.89 -0.38
N ILE A 47 -8.31 9.05 -1.10
CA ILE A 47 -8.64 10.32 -1.75
C ILE A 47 -9.18 11.33 -0.76
N ILE A 48 -10.30 10.99 -0.12
CA ILE A 48 -10.95 11.89 0.84
C ILE A 48 -9.93 12.51 1.80
N ARG A 49 -8.90 11.75 2.14
CA ARG A 49 -7.93 12.18 3.15
C ARG A 49 -6.85 13.08 2.54
N TYR A 50 -6.33 12.68 1.37
CA TYR A 50 -5.19 13.37 0.77
C TYR A 50 -5.59 14.40 -0.28
N THR A 51 -5.49 15.68 0.08
CA THR A 51 -5.79 16.77 -0.85
C THR A 51 -4.79 16.75 -1.99
N LYS A 52 -3.63 16.17 -1.74
CA LYS A 52 -2.57 16.10 -2.72
C LYS A 52 -3.09 15.54 -4.06
N MET A 53 -4.08 14.66 -4.01
CA MET A 53 -4.60 14.06 -5.24
C MET A 53 -6.13 14.06 -5.35
N LYS A 54 -6.67 15.18 -5.79
CA LYS A 54 -8.08 15.28 -6.10
C LYS A 54 -8.22 15.90 -7.47
N THR A 55 -8.27 15.04 -8.48
CA THR A 55 -8.31 15.46 -9.87
C THR A 55 -9.60 15.04 -10.54
N ALA A 56 -10.02 15.81 -11.54
CA ALA A 56 -11.25 15.51 -12.28
C ALA A 56 -11.45 14.01 -12.34
N THR A 57 -10.43 13.29 -12.81
CA THR A 57 -10.54 11.87 -13.02
C THR A 57 -10.72 11.10 -11.70
N ASN A 58 -9.98 11.51 -10.68
CA ASN A 58 -10.04 10.80 -9.40
C ASN A 58 -11.37 11.00 -8.70
N ILE A 59 -11.90 12.21 -8.73
CA ILE A 59 -13.18 12.50 -8.07
C ILE A 59 -14.25 11.57 -8.63
N TYR A 60 -14.20 11.31 -9.93
CA TYR A 60 -15.11 10.35 -10.55
C TYR A 60 -14.84 8.95 -10.04
N ILE A 61 -13.58 8.53 -10.08
CA ILE A 61 -13.21 7.21 -9.59
C ILE A 61 -13.78 6.99 -8.20
N PHE A 62 -13.72 8.03 -7.36
CA PHE A 62 -14.31 7.97 -6.02
C PHE A 62 -15.76 7.55 -6.10
N ASN A 63 -16.52 8.24 -6.95
CA ASN A 63 -17.91 7.91 -7.17
C ASN A 63 -18.03 6.46 -7.63
N LEU A 64 -17.12 6.06 -8.49
CA LEU A 64 -17.13 4.71 -9.02
C LEU A 64 -16.87 3.71 -7.90
N ALA A 65 -15.79 3.92 -7.16
CA ALA A 65 -15.44 3.05 -6.03
C ALA A 65 -16.59 2.97 -5.02
N LEU A 66 -17.25 4.10 -4.78
CA LEU A 66 -18.36 4.15 -3.83
C LEU A 66 -19.47 3.21 -4.26
N ALA A 67 -19.89 3.32 -5.52
CA ALA A 67 -20.92 2.43 -6.02
C ALA A 67 -20.43 0.99 -5.95
N ASP A 68 -19.17 0.76 -6.31
CA ASP A 68 -18.63 -0.60 -6.35
C ASP A 68 -18.48 -1.22 -4.96
N ALA A 69 -18.26 -0.38 -3.96
CA ALA A 69 -18.15 -0.85 -2.58
C ALA A 69 -19.53 -1.23 -2.04
N LEU A 70 -20.51 -0.35 -2.30
CA LEU A 70 -21.87 -0.58 -1.85
C LEU A 70 -22.40 -1.90 -2.40
N VAL A 71 -22.13 -2.16 -3.67
CA VAL A 71 -22.68 -3.34 -4.32
C VAL A 71 -21.98 -4.59 -3.78
N THR A 72 -20.69 -4.47 -3.50
CA THR A 72 -19.95 -5.63 -3.01
C THR A 72 -20.50 -6.14 -1.69
N THR A 73 -21.00 -5.23 -0.85
CA THR A 73 -21.58 -5.62 0.43
C THR A 73 -22.88 -6.40 0.26
N THR A 74 -23.38 -6.52 -0.97
CA THR A 74 -24.60 -7.28 -1.19
C THR A 74 -24.27 -8.73 -1.53
N MET A 75 -22.99 -9.02 -1.75
CA MET A 75 -22.56 -10.38 -2.04
C MET A 75 -23.02 -11.37 -0.95
N PRO A 76 -22.72 -11.07 0.33
CA PRO A 76 -23.10 -12.00 1.40
C PRO A 76 -24.62 -12.20 1.46
N PHE A 77 -25.37 -11.29 0.85
CA PHE A 77 -26.80 -11.47 0.74
C PHE A 77 -27.08 -12.38 -0.45
N GLN A 78 -26.46 -12.07 -1.58
CA GLN A 78 -26.63 -12.86 -2.79
C GLN A 78 -26.45 -14.34 -2.49
N SER A 79 -25.32 -14.68 -1.89
CA SER A 79 -24.96 -16.07 -1.66
C SER A 79 -25.89 -16.71 -0.64
N THR A 80 -26.04 -16.07 0.51
CA THR A 80 -26.88 -16.60 1.59
C THR A 80 -28.31 -16.80 1.11
N VAL A 81 -28.76 -15.93 0.22
CA VAL A 81 -30.06 -16.09 -0.40
C VAL A 81 -30.05 -17.31 -1.31
N TYR A 82 -29.00 -17.46 -2.10
CA TYR A 82 -28.89 -18.60 -3.00
C TYR A 82 -28.88 -19.90 -2.23
N LEU A 83 -28.20 -19.92 -1.09
CA LEU A 83 -28.07 -21.13 -0.29
C LEU A 83 -29.41 -21.59 0.29
N MET A 84 -30.15 -20.65 0.87
CA MET A 84 -31.45 -20.95 1.45
C MET A 84 -32.54 -21.00 0.38
N ASN A 85 -32.31 -20.32 -0.75
CA ASN A 85 -33.29 -20.21 -1.82
C ASN A 85 -34.49 -19.37 -1.40
N SER A 86 -34.27 -18.44 -0.47
CA SER A 86 -35.34 -17.59 0.04
C SER A 86 -34.76 -16.29 0.58
N TRP A 87 -35.63 -15.31 0.82
CA TRP A 87 -35.19 -14.05 1.38
C TRP A 87 -35.57 -13.98 2.86
N PRO A 88 -34.58 -14.10 3.74
CA PRO A 88 -34.77 -14.03 5.20
C PRO A 88 -34.73 -12.61 5.76
N PHE A 89 -34.27 -11.67 4.95
CA PHE A 89 -33.90 -10.35 5.46
C PHE A 89 -35.07 -9.39 5.68
N GLY A 90 -36.28 -9.80 5.31
CA GLY A 90 -37.45 -8.98 5.53
C GLY A 90 -37.56 -7.84 4.54
N ASP A 91 -38.58 -7.01 4.72
CA ASP A 91 -38.90 -5.94 3.76
C ASP A 91 -37.80 -4.89 3.66
N VAL A 92 -37.48 -4.29 4.80
CA VAL A 92 -36.47 -3.23 4.86
C VAL A 92 -35.21 -3.55 4.06
N LEU A 93 -34.59 -4.69 4.34
CA LEU A 93 -33.35 -5.04 3.68
C LEU A 93 -33.61 -5.25 2.18
N CYS A 94 -34.71 -5.92 1.86
CA CYS A 94 -35.11 -6.11 0.46
C CYS A 94 -35.15 -4.77 -0.28
N LYS A 95 -35.87 -3.80 0.30
CA LYS A 95 -35.98 -2.48 -0.29
C LYS A 95 -34.62 -1.81 -0.44
N ILE A 96 -33.72 -2.09 0.50
CA ILE A 96 -32.42 -1.41 0.52
C ILE A 96 -31.46 -1.99 -0.51
N VAL A 97 -31.28 -3.30 -0.50
CA VAL A 97 -30.31 -3.90 -1.41
C VAL A 97 -30.77 -3.73 -2.84
N LEU A 98 -32.09 -3.67 -3.05
CA LEU A 98 -32.61 -3.38 -4.37
C LEU A 98 -32.21 -1.98 -4.81
N SER A 99 -32.37 -1.00 -3.93
CA SER A 99 -32.00 0.37 -4.27
C SER A 99 -30.49 0.45 -4.48
N ILE A 100 -29.72 -0.39 -3.78
CA ILE A 100 -28.29 -0.48 -4.01
C ILE A 100 -28.06 -1.09 -5.38
N ASP A 101 -28.67 -2.26 -5.59
CA ASP A 101 -28.55 -2.96 -6.84
C ASP A 101 -28.72 -1.99 -8.00
N TYR A 102 -29.79 -1.21 -7.95
CA TYR A 102 -30.10 -0.28 -9.03
C TYR A 102 -29.22 0.98 -9.02
N TYR A 103 -28.88 1.47 -7.84
CA TYR A 103 -27.98 2.62 -7.72
C TYR A 103 -26.62 2.30 -8.30
N ASN A 104 -26.04 1.19 -7.88
CA ASN A 104 -24.77 0.77 -8.43
C ASN A 104 -24.84 0.74 -9.95
N MET A 105 -25.87 0.08 -10.48
CA MET A 105 -25.98 -0.14 -11.91
C MET A 105 -25.98 1.18 -12.70
N PHE A 106 -26.83 2.12 -12.29
CA PHE A 106 -26.92 3.40 -12.96
C PHE A 106 -25.75 4.32 -12.61
N THR A 107 -25.42 4.41 -11.32
CA THR A 107 -24.38 5.31 -10.87
C THR A 107 -23.04 5.06 -11.56
N SER A 108 -22.64 3.79 -11.62
CA SER A 108 -21.31 3.47 -12.13
C SER A 108 -21.21 3.70 -13.63
N ILE A 109 -22.28 3.42 -14.37
CA ILE A 109 -22.25 3.61 -15.82
C ILE A 109 -22.24 5.11 -16.18
N PHE A 110 -23.01 5.91 -15.45
CA PHE A 110 -23.05 7.37 -15.68
C PHE A 110 -21.73 8.04 -15.35
N THR A 111 -21.12 7.56 -14.26
CA THR A 111 -19.83 8.08 -13.83
C THR A 111 -18.81 7.82 -14.95
N LEU A 112 -18.78 6.60 -15.46
CA LEU A 112 -17.80 6.23 -16.47
C LEU A 112 -17.97 7.01 -17.75
N THR A 113 -19.22 7.36 -18.06
CA THR A 113 -19.52 8.17 -19.23
C THR A 113 -18.99 9.58 -19.02
N MET A 114 -19.24 10.15 -17.84
CA MET A 114 -18.74 11.48 -17.51
C MET A 114 -17.21 11.53 -17.45
N MET A 115 -16.60 10.43 -17.03
CA MET A 115 -15.15 10.31 -17.04
C MET A 115 -14.61 10.36 -18.45
N SER A 116 -15.26 9.64 -19.35
CA SER A 116 -14.84 9.66 -20.73
C SER A 116 -14.97 11.06 -21.29
N VAL A 117 -16.09 11.70 -20.99
CA VAL A 117 -16.35 13.05 -21.46
C VAL A 117 -15.29 13.99 -20.91
N ASP A 118 -14.89 13.74 -19.67
CA ASP A 118 -13.84 14.54 -19.04
C ASP A 118 -12.55 14.37 -19.83
N ARG A 119 -12.18 13.13 -20.11
CA ARG A 119 -10.97 12.82 -20.88
C ARG A 119 -11.04 13.44 -22.26
N TYR A 120 -12.26 13.57 -22.77
CA TYR A 120 -12.47 14.10 -24.11
C TYR A 120 -12.10 15.56 -24.22
N ILE A 121 -12.50 16.34 -23.22
CA ILE A 121 -12.21 17.77 -23.20
C ILE A 121 -10.85 18.01 -22.59
N ALA A 122 -10.23 16.94 -22.10
CA ALA A 122 -8.91 17.04 -21.50
C ALA A 122 -7.83 17.16 -22.57
N VAL A 123 -8.04 16.53 -23.72
CA VAL A 123 -7.01 16.49 -24.75
C VAL A 123 -6.75 17.86 -25.36
N CYS A 124 -7.71 18.77 -25.27
CA CYS A 124 -7.52 20.13 -25.79
C CYS A 124 -7.25 21.14 -24.68
N HIS A 125 -7.34 20.71 -23.43
CA HIS A 125 -7.13 21.59 -22.29
C HIS A 125 -6.25 20.93 -21.22
N PRO A 126 -4.94 20.87 -21.46
CA PRO A 126 -3.97 20.37 -20.48
C PRO A 126 -3.74 21.35 -19.32
N VAL A 127 -4.10 22.60 -19.54
CA VAL A 127 -3.92 23.64 -18.51
C VAL A 127 -5.08 23.66 -17.52
N LYS A 128 -6.30 23.74 -18.04
CA LYS A 128 -7.48 23.81 -17.18
C LYS A 128 -7.66 22.50 -16.41
N ALA A 129 -7.12 21.41 -16.94
CA ALA A 129 -7.19 20.13 -16.25
C ALA A 129 -6.73 20.28 -14.80
N LEU A 130 -5.68 21.08 -14.61
CA LEU A 130 -5.19 21.41 -13.26
C LEU A 130 -5.68 22.79 -12.86
N ASP A 131 -6.78 22.82 -12.11
CA ASP A 131 -7.43 24.07 -11.74
C ASP A 131 -8.10 23.93 -10.38
N PHE A 132 -8.82 24.98 -9.98
CA PHE A 132 -9.55 24.97 -8.72
C PHE A 132 -10.93 24.38 -8.97
N ARG A 133 -11.49 24.67 -10.13
CA ARG A 133 -12.85 24.28 -10.47
C ARG A 133 -12.96 22.85 -10.97
N THR A 134 -12.02 22.45 -11.83
CA THR A 134 -12.11 21.16 -12.50
C THR A 134 -12.46 20.04 -11.52
N PRO A 135 -11.75 19.95 -10.38
CA PRO A 135 -12.10 18.93 -9.39
C PRO A 135 -13.46 19.18 -8.76
N LEU A 136 -13.78 20.45 -8.51
CA LEU A 136 -15.07 20.84 -7.93
C LEU A 136 -16.24 20.48 -8.86
N LYS A 137 -16.12 20.84 -10.14
CA LYS A 137 -17.15 20.49 -11.11
C LYS A 137 -17.42 19.00 -11.01
N ALA A 138 -16.34 18.23 -10.89
CA ALA A 138 -16.47 16.78 -10.82
C ALA A 138 -17.32 16.37 -9.62
N LYS A 139 -17.04 16.99 -8.47
CA LYS A 139 -17.80 16.71 -7.25
C LYS A 139 -19.28 16.94 -7.53
N ILE A 140 -19.59 18.09 -8.11
CA ILE A 140 -20.98 18.44 -8.38
C ILE A 140 -21.62 17.41 -9.31
N ILE A 141 -20.96 17.10 -10.41
CA ILE A 141 -21.48 16.10 -11.34
C ILE A 141 -21.81 14.79 -10.62
N ASN A 142 -20.86 14.29 -9.83
CA ASN A 142 -21.10 13.07 -9.04
C ASN A 142 -22.46 13.10 -8.36
N ILE A 143 -22.79 14.24 -7.76
CA ILE A 143 -24.05 14.39 -7.07
C ILE A 143 -25.19 14.30 -8.07
N CYS A 144 -25.10 15.08 -9.15
CA CYS A 144 -26.13 15.05 -10.17
C CYS A 144 -26.41 13.63 -10.63
N ILE A 145 -25.35 12.83 -10.70
CA ILE A 145 -25.50 11.44 -11.10
C ILE A 145 -26.29 10.68 -10.03
N TRP A 146 -26.00 10.96 -8.76
CA TRP A 146 -26.71 10.31 -7.67
C TRP A 146 -28.15 10.76 -7.58
N LEU A 147 -28.43 11.98 -8.02
CA LEU A 147 -29.80 12.47 -8.01
C LEU A 147 -30.56 11.79 -9.15
N LEU A 148 -29.95 11.73 -10.32
CA LEU A 148 -30.60 11.08 -11.46
C LEU A 148 -30.82 9.61 -11.19
N SER A 149 -29.84 8.98 -10.55
CA SER A 149 -29.94 7.57 -10.21
C SER A 149 -31.03 7.32 -9.16
N SER A 150 -31.33 8.35 -8.35
CA SER A 150 -32.40 8.25 -7.35
C SER A 150 -33.71 7.91 -8.03
N SER A 151 -33.84 8.28 -9.30
CA SER A 151 -35.01 7.95 -10.10
C SER A 151 -35.39 6.51 -9.85
N VAL A 152 -34.48 5.60 -10.15
CA VAL A 152 -34.77 4.18 -10.01
C VAL A 152 -34.31 3.68 -8.66
N GLY A 153 -33.34 4.39 -8.06
CA GLY A 153 -32.86 4.04 -6.74
C GLY A 153 -33.97 4.16 -5.70
N ILE A 154 -34.69 5.26 -5.75
CA ILE A 154 -35.77 5.49 -4.79
C ILE A 154 -36.96 4.61 -5.12
N SER A 155 -37.32 4.52 -6.40
CA SER A 155 -38.46 3.70 -6.79
C SER A 155 -38.22 2.23 -6.40
N ALA A 156 -36.95 1.86 -6.24
CA ALA A 156 -36.60 0.52 -5.79
C ALA A 156 -36.95 0.37 -4.32
N ILE A 157 -36.82 1.47 -3.58
CA ILE A 157 -37.16 1.49 -2.16
C ILE A 157 -38.67 1.40 -1.96
N VAL A 158 -39.44 1.98 -2.88
CA VAL A 158 -40.89 1.99 -2.75
C VAL A 158 -41.46 0.65 -3.24
N LEU A 159 -41.01 0.21 -4.40
CA LEU A 159 -41.52 -1.01 -5.04
C LEU A 159 -40.96 -2.28 -4.39
N GLY A 160 -39.78 -2.17 -3.79
CA GLY A 160 -39.18 -3.31 -3.11
C GLY A 160 -40.14 -3.89 -2.09
N GLY A 161 -40.25 -5.21 -2.07
CA GLY A 161 -41.15 -5.88 -1.16
C GLY A 161 -40.96 -7.38 -1.12
N THR A 162 -41.58 -8.02 -0.12
CA THR A 162 -41.43 -9.45 0.06
C THR A 162 -42.77 -10.15 -0.08
N LYS A 163 -42.74 -11.40 -0.56
CA LYS A 163 -43.96 -12.17 -0.75
C LYS A 163 -43.68 -13.66 -0.67
N VAL A 164 -44.65 -14.43 -0.17
CA VAL A 164 -44.53 -15.87 -0.10
C VAL A 164 -45.12 -16.49 -1.37
N ARG A 165 -44.26 -17.08 -2.19
CA ARG A 165 -44.67 -17.57 -3.51
C ARG A 165 -45.09 -19.03 -3.50
N GLU A 166 -46.18 -19.32 -4.20
CA GLU A 166 -46.64 -20.69 -4.38
C GLU A 166 -46.85 -21.42 -3.04
N ASP A 167 -46.97 -22.74 -3.11
CA ASP A 167 -47.12 -23.57 -1.92
C ASP A 167 -45.78 -23.68 -1.19
N VAL A 168 -44.69 -23.60 -1.95
CA VAL A 168 -43.35 -23.65 -1.40
C VAL A 168 -43.17 -22.63 -0.28
N ASP A 169 -42.33 -22.96 0.71
CA ASP A 169 -42.09 -22.07 1.84
C ASP A 169 -40.98 -21.07 1.56
N VAL A 170 -40.70 -20.84 0.28
CA VAL A 170 -39.66 -19.89 -0.11
C VAL A 170 -40.23 -18.49 -0.12
N ILE A 171 -39.34 -17.51 0.07
CA ILE A 171 -39.72 -16.11 0.10
C ILE A 171 -38.98 -15.38 -1.01
N GLU A 172 -39.67 -14.50 -1.71
CA GLU A 172 -39.06 -13.77 -2.81
C GLU A 172 -38.91 -12.29 -2.48
N CYS A 173 -37.73 -11.77 -2.76
CA CYS A 173 -37.48 -10.34 -2.66
C CYS A 173 -37.46 -9.78 -4.09
N SER A 174 -38.25 -8.75 -4.33
CA SER A 174 -38.33 -8.17 -5.67
C SER A 174 -39.17 -6.90 -5.70
N LEU A 175 -39.12 -6.19 -6.82
CA LEU A 175 -40.02 -5.06 -7.06
C LEU A 175 -41.46 -5.55 -7.24
N GLN A 176 -42.40 -4.89 -6.59
CA GLN A 176 -43.79 -5.33 -6.61
C GLN A 176 -44.65 -4.42 -7.47
N PHE A 177 -44.97 -4.90 -8.67
CA PHE A 177 -45.85 -4.17 -9.57
C PHE A 177 -47.26 -4.72 -9.39
N PRO A 178 -48.27 -4.01 -9.93
CA PRO A 178 -49.64 -4.53 -9.93
C PRO A 178 -49.71 -5.96 -10.44
N ASP A 179 -50.53 -6.77 -9.78
CA ASP A 179 -50.58 -8.21 -10.08
C ASP A 179 -51.07 -8.46 -11.50
N ASP A 180 -50.39 -9.39 -12.19
CA ASP A 180 -50.76 -9.77 -13.55
C ASP A 180 -50.14 -8.83 -14.57
N ASP A 181 -50.26 -7.52 -14.31
CA ASP A 181 -49.64 -6.51 -15.16
C ASP A 181 -48.20 -6.24 -14.69
N TYR A 182 -47.75 -7.04 -13.73
CA TYR A 182 -46.35 -7.07 -13.36
C TYR A 182 -45.53 -7.27 -14.63
N SER A 183 -46.04 -8.09 -15.54
CA SER A 183 -45.39 -8.40 -16.79
C SER A 183 -45.07 -7.13 -17.58
N TRP A 184 -46.05 -6.27 -17.77
CA TRP A 184 -45.82 -5.06 -18.57
C TRP A 184 -44.84 -4.10 -17.88
N TRP A 185 -45.16 -3.73 -16.65
CA TRP A 185 -44.30 -2.84 -15.88
C TRP A 185 -42.87 -3.39 -15.77
N ASP A 186 -42.73 -4.69 -15.55
CA ASP A 186 -41.42 -5.30 -15.47
C ASP A 186 -40.72 -5.16 -16.81
N LEU A 187 -41.44 -5.47 -17.88
CA LEU A 187 -40.89 -5.36 -19.22
C LEU A 187 -40.58 -3.90 -19.54
N PHE A 188 -41.46 -3.02 -19.09
CA PHE A 188 -41.30 -1.59 -19.30
C PHE A 188 -40.03 -1.13 -18.63
N MET A 189 -39.91 -1.43 -17.34
CA MET A 189 -38.76 -0.99 -16.59
C MET A 189 -37.50 -1.59 -17.21
N LYS A 190 -37.49 -2.90 -17.41
CA LYS A 190 -36.26 -3.56 -17.82
C LYS A 190 -35.75 -3.01 -19.15
N ILE A 191 -36.67 -2.64 -20.03
CA ILE A 191 -36.26 -2.04 -21.30
C ILE A 191 -35.65 -0.67 -21.06
N CYS A 192 -36.33 0.14 -20.26
CA CYS A 192 -35.79 1.45 -19.89
C CYS A 192 -34.38 1.30 -19.34
N VAL A 193 -34.19 0.34 -18.44
CA VAL A 193 -32.87 0.09 -17.89
C VAL A 193 -31.87 -0.14 -19.01
N PHE A 194 -32.22 -1.03 -19.94
CA PHE A 194 -31.33 -1.38 -21.04
C PHE A 194 -31.02 -0.18 -21.94
N ILE A 195 -31.99 0.71 -22.11
CA ILE A 195 -31.81 1.93 -22.89
C ILE A 195 -30.88 2.90 -22.18
N PHE A 196 -31.26 3.29 -20.96
CA PHE A 196 -30.57 4.35 -20.24
C PHE A 196 -29.31 3.89 -19.50
N ALA A 197 -29.32 2.68 -18.97
CA ALA A 197 -28.19 2.21 -18.17
C ALA A 197 -27.20 1.43 -19.03
N PHE A 198 -27.43 1.38 -20.34
CA PHE A 198 -26.51 0.67 -21.22
C PHE A 198 -26.38 1.30 -22.61
N VAL A 199 -27.40 1.14 -23.44
CA VAL A 199 -27.34 1.62 -24.82
C VAL A 199 -26.84 3.05 -24.96
N ILE A 200 -27.51 3.99 -24.33
CA ILE A 200 -27.13 5.39 -24.46
C ILE A 200 -25.67 5.58 -24.01
N PRO A 201 -25.40 5.38 -22.70
CA PRO A 201 -24.04 5.68 -22.22
C PRO A 201 -22.95 4.97 -23.03
N VAL A 202 -23.11 3.68 -23.31
CA VAL A 202 -22.07 2.92 -24.00
C VAL A 202 -21.80 3.49 -25.38
N LEU A 203 -22.84 3.80 -26.11
CA LEU A 203 -22.65 4.40 -27.43
C LEU A 203 -22.02 5.78 -27.24
N ILE A 204 -22.59 6.59 -26.36
CA ILE A 204 -22.02 7.91 -26.07
C ILE A 204 -20.51 7.77 -25.78
N ILE A 205 -20.15 6.82 -24.93
CA ILE A 205 -18.74 6.56 -24.61
C ILE A 205 -17.97 6.21 -25.88
N ILE A 206 -18.45 5.23 -26.64
CA ILE A 206 -17.76 4.80 -27.86
C ILE A 206 -17.51 5.99 -28.78
N VAL A 207 -18.54 6.80 -29.00
CA VAL A 207 -18.39 8.03 -29.77
C VAL A 207 -17.33 8.92 -29.13
N CYS A 208 -17.33 8.97 -27.79
CA CYS A 208 -16.40 9.79 -27.04
C CYS A 208 -14.96 9.42 -27.33
N TYR A 209 -14.69 8.14 -27.52
CA TYR A 209 -13.33 7.70 -27.76
C TYR A 209 -12.92 7.75 -29.22
N THR A 210 -13.74 7.18 -30.08
CA THR A 210 -13.48 7.27 -31.51
C THR A 210 -13.14 8.71 -31.90
N LEU A 211 -13.82 9.69 -31.30
CA LEU A 211 -13.55 11.09 -31.60
C LEU A 211 -12.31 11.58 -30.86
N MET A 212 -12.09 11.05 -29.66
CA MET A 212 -10.92 11.42 -28.87
C MET A 212 -9.62 11.06 -29.57
N ILE A 213 -9.57 9.92 -30.24
CA ILE A 213 -8.34 9.52 -30.93
C ILE A 213 -8.12 10.44 -32.13
N LEU A 214 -9.22 10.97 -32.67
CA LEU A 214 -9.13 11.93 -33.76
C LEU A 214 -8.55 13.27 -33.28
N ARG A 215 -9.08 13.76 -32.16
CA ARG A 215 -8.57 14.98 -31.55
C ARG A 215 -7.09 14.83 -31.21
N LEU A 216 -6.72 13.63 -30.76
CA LEU A 216 -5.33 13.35 -30.44
C LEU A 216 -4.45 13.40 -31.69
N LYS A 217 -4.88 12.72 -32.75
CA LYS A 217 -4.17 12.79 -34.03
C LYS A 217 -4.04 14.23 -34.49
N SER A 218 -5.11 15.00 -34.32
CA SER A 218 -5.12 16.39 -34.72
C SER A 218 -4.15 17.22 -33.87
N VAL A 219 -4.07 16.88 -32.58
CA VAL A 219 -3.21 17.61 -31.65
C VAL A 219 -1.74 17.25 -31.81
N ARG A 220 -1.48 16.03 -32.29
CA ARG A 220 -0.10 15.58 -32.49
C ARG A 220 0.56 16.21 -33.72
N LEU A 221 -0.26 16.75 -34.62
CA LEU A 221 0.26 17.49 -35.78
C LEU A 221 0.30 18.99 -35.51
N LEU A 222 -0.71 19.50 -34.83
CA LEU A 222 -0.85 20.95 -34.66
C LEU A 222 -0.30 21.46 -33.33
N SER A 223 0.32 20.58 -32.54
CA SER A 223 0.95 20.99 -31.29
C SER A 223 2.28 21.71 -31.51
N GLY A 224 2.83 21.61 -32.71
CA GLY A 224 4.07 22.27 -33.03
C GLY A 224 4.07 22.74 -34.45
N ASN A 225 4.74 23.85 -34.72
CA ASN A 225 4.89 24.37 -36.07
C ASN A 225 6.36 24.34 -36.48
N ILE A 226 6.63 24.47 -37.77
CA ILE A 226 8.00 24.41 -38.28
C ILE A 226 8.83 25.59 -37.75
N PHE A 227 8.16 26.66 -37.33
CA PHE A 227 8.86 27.85 -36.84
C PHE A 227 9.49 27.63 -35.47
N GLU A 228 8.76 26.97 -34.58
CA GLU A 228 9.28 26.65 -33.26
C GLU A 228 10.42 25.65 -33.35
N MET A 229 10.34 24.79 -34.36
CA MET A 229 11.33 23.75 -34.58
C MET A 229 12.70 24.36 -34.95
N LEU A 230 12.73 25.09 -36.05
CA LEU A 230 13.99 25.61 -36.56
C LEU A 230 14.56 26.74 -35.69
N ARG A 231 13.68 27.44 -34.96
CA ARG A 231 14.13 28.47 -34.03
C ARG A 231 14.91 27.85 -32.89
N ILE A 232 14.70 26.56 -32.66
CA ILE A 232 15.43 25.84 -31.64
C ILE A 232 16.73 25.27 -32.21
N ASP A 233 16.69 24.85 -33.48
CA ASP A 233 17.86 24.24 -34.10
C ASP A 233 18.79 25.26 -34.73
N GLU A 234 18.22 26.28 -35.35
CA GLU A 234 19.01 27.28 -36.06
C GLU A 234 19.16 28.56 -35.21
N GLY A 235 18.30 28.73 -34.20
CA GLY A 235 18.35 29.90 -33.34
C GLY A 235 17.65 31.09 -33.97
N LEU A 236 17.66 32.23 -33.29
CA LEU A 236 17.18 33.47 -33.90
C LEU A 236 17.98 34.69 -33.46
N ARG A 237 18.38 35.49 -34.44
CA ARG A 237 19.13 36.72 -34.17
C ARG A 237 18.53 37.87 -34.94
N LEU A 238 18.36 39.00 -34.26
CA LEU A 238 17.86 40.20 -34.90
C LEU A 238 18.99 41.12 -35.31
N LYS A 239 20.22 40.61 -35.21
CA LYS A 239 21.39 41.35 -35.60
C LYS A 239 22.36 40.42 -36.33
N ILE A 240 22.96 40.91 -37.40
CA ILE A 240 23.94 40.14 -38.18
C ILE A 240 25.00 39.50 -37.28
N TYR A 241 25.25 38.22 -37.51
CA TYR A 241 26.25 37.48 -36.74
C TYR A 241 26.92 36.48 -37.67
N LYS A 242 27.92 35.77 -37.15
CA LYS A 242 28.68 34.83 -37.98
C LYS A 242 28.33 33.37 -37.72
N ASP A 243 28.24 32.60 -38.81
CA ASP A 243 27.92 31.17 -38.77
C ASP A 243 28.93 30.42 -37.93
N THR A 244 28.75 29.10 -37.85
CA THR A 244 29.72 28.23 -37.22
C THR A 244 30.94 28.12 -38.14
N GLU A 245 30.69 28.29 -39.44
CA GLU A 245 31.76 28.32 -40.43
C GLU A 245 32.30 29.74 -40.66
N GLY A 246 31.73 30.72 -39.95
CA GLY A 246 32.26 32.07 -39.97
C GLY A 246 31.54 33.02 -40.91
N TYR A 247 30.53 32.52 -41.60
CA TYR A 247 29.78 33.29 -42.59
C TYR A 247 28.77 34.26 -41.94
N TYR A 248 28.56 35.42 -42.55
CA TYR A 248 27.60 36.40 -42.04
C TYR A 248 26.14 35.94 -42.28
N THR A 249 25.37 35.91 -41.21
CA THR A 249 23.99 35.45 -41.28
C THR A 249 23.12 36.19 -40.27
N ILE A 250 21.81 36.03 -40.42
CA ILE A 250 20.86 36.73 -39.55
C ILE A 250 19.55 35.95 -39.41
N GLY A 251 18.73 36.32 -38.43
CA GLY A 251 17.42 35.73 -38.24
C GLY A 251 17.49 34.26 -37.87
N ILE A 252 16.86 33.40 -38.66
CA ILE A 252 16.93 31.95 -38.46
C ILE A 252 17.72 31.23 -39.58
N GLY A 253 19.03 31.08 -39.38
CA GLY A 253 19.86 30.35 -40.31
C GLY A 253 19.89 30.93 -41.72
N HIS A 254 19.58 32.22 -41.84
CA HIS A 254 19.65 32.86 -43.16
C HIS A 254 21.06 33.36 -43.48
N LEU A 255 21.73 32.65 -44.37
CA LEU A 255 23.04 33.09 -44.83
C LEU A 255 22.87 34.35 -45.67
N LEU A 256 23.57 35.40 -45.29
CA LEU A 256 23.58 36.63 -46.08
C LEU A 256 24.60 36.53 -47.22
N THR A 257 25.86 36.25 -46.89
CA THR A 257 26.89 36.01 -47.90
C THR A 257 28.00 35.18 -47.29
N LYS A 258 28.82 34.62 -48.17
CA LYS A 258 30.01 33.89 -47.75
C LYS A 258 31.24 34.79 -47.84
N SER A 259 31.12 35.92 -48.55
CA SER A 259 32.27 36.83 -48.70
C SER A 259 32.51 37.59 -47.40
N PRO A 260 33.79 37.86 -47.08
CA PRO A 260 34.16 38.36 -45.75
C PRO A 260 34.01 39.87 -45.58
N SER A 261 32.91 40.41 -46.09
CA SER A 261 32.66 41.84 -46.02
C SER A 261 31.31 42.10 -45.34
N LEU A 262 31.38 42.64 -44.11
CA LEU A 262 30.17 43.03 -43.40
C LEU A 262 29.31 43.99 -44.21
N ASN A 263 29.95 44.81 -45.04
CA ASN A 263 29.21 45.71 -45.93
C ASN A 263 28.43 44.93 -47.00
N ALA A 264 28.95 43.76 -47.39
CA ALA A 264 28.25 42.90 -48.34
C ALA A 264 27.05 42.24 -47.65
N ALA A 265 27.26 41.77 -46.43
CA ALA A 265 26.18 41.16 -45.63
C ALA A 265 25.06 42.16 -45.37
N LYS A 266 25.43 43.42 -45.15
CA LYS A 266 24.42 44.45 -44.96
C LYS A 266 23.76 44.77 -46.28
N SER A 267 24.52 44.69 -47.38
CA SER A 267 23.96 44.95 -48.69
C SER A 267 22.94 43.87 -49.04
N GLU A 268 23.35 42.63 -48.84
CA GLU A 268 22.53 41.50 -49.20
C GLU A 268 21.28 41.49 -48.33
N LEU A 269 21.47 41.88 -47.08
CA LEU A 269 20.37 41.93 -46.12
C LEU A 269 19.34 42.99 -46.50
N ASP A 270 19.81 44.13 -46.97
CA ASP A 270 18.90 45.23 -47.31
C ASP A 270 18.04 44.85 -48.52
N LYS A 271 18.58 44.04 -49.43
CA LYS A 271 17.79 43.56 -50.57
C LYS A 271 16.74 42.57 -50.05
N ALA A 272 17.07 41.84 -49.00
CA ALA A 272 16.18 40.83 -48.48
C ALA A 272 14.95 41.46 -47.83
N ILE A 273 15.16 42.56 -47.12
CA ILE A 273 14.06 43.21 -46.39
C ILE A 273 13.35 44.25 -47.26
N GLY A 274 14.11 45.17 -47.83
CA GLY A 274 13.55 46.23 -48.65
C GLY A 274 13.76 47.61 -48.04
N ARG A 275 14.48 47.66 -46.92
CA ARG A 275 14.81 48.92 -46.27
C ARG A 275 16.28 48.92 -45.91
N ASN A 276 16.78 50.08 -45.51
CA ASN A 276 18.15 50.19 -45.01
C ASN A 276 18.22 49.72 -43.56
N THR A 277 18.72 48.51 -43.34
CA THR A 277 18.64 47.86 -42.03
C THR A 277 19.80 48.20 -41.11
N ASN A 278 20.97 48.47 -41.70
CA ASN A 278 22.19 48.65 -40.90
C ASN A 278 22.49 47.40 -40.09
N GLY A 279 22.14 46.24 -40.63
CA GLY A 279 22.44 44.98 -40.00
C GLY A 279 21.49 44.65 -38.85
N VAL A 280 20.35 45.34 -38.81
CA VAL A 280 19.37 45.15 -37.76
C VAL A 280 17.94 44.98 -38.30
N ILE A 281 17.30 43.88 -37.93
CA ILE A 281 15.95 43.57 -38.41
C ILE A 281 14.99 43.28 -37.24
N THR A 282 13.71 43.60 -37.42
CA THR A 282 12.72 43.34 -36.38
C THR A 282 12.36 41.86 -36.35
N LYS A 283 11.79 41.42 -35.24
CA LYS A 283 11.33 40.06 -35.13
C LYS A 283 10.39 39.71 -36.28
N ASP A 284 9.48 40.64 -36.58
CA ASP A 284 8.50 40.42 -37.64
C ASP A 284 9.20 40.19 -38.96
N GLU A 285 10.19 41.03 -39.25
CA GLU A 285 10.93 40.92 -40.51
C GLU A 285 11.61 39.56 -40.59
N ALA A 286 12.14 39.12 -39.46
CA ALA A 286 12.83 37.84 -39.40
C ALA A 286 11.88 36.67 -39.67
N GLU A 287 10.61 36.82 -39.27
CA GLU A 287 9.59 35.82 -39.57
C GLU A 287 9.27 35.79 -41.05
N LYS A 288 9.13 36.97 -41.64
CA LYS A 288 8.89 37.07 -43.07
C LYS A 288 10.02 36.38 -43.81
N LEU A 289 11.27 36.62 -43.36
CA LEU A 289 12.43 36.04 -44.02
C LEU A 289 12.40 34.52 -43.89
N PHE A 290 12.07 34.05 -42.69
CA PHE A 290 11.99 32.63 -42.42
C PHE A 290 10.98 31.98 -43.35
N ASN A 291 9.77 32.53 -43.37
CA ASN A 291 8.70 32.01 -44.21
C ASN A 291 9.11 31.93 -45.68
N GLN A 292 9.91 32.90 -46.13
CA GLN A 292 10.41 32.88 -47.50
C GLN A 292 11.42 31.73 -47.67
N ASP A 293 12.25 31.52 -46.66
CA ASP A 293 13.28 30.47 -46.72
C ASP A 293 12.66 29.07 -46.70
N VAL A 294 11.60 28.92 -45.91
CA VAL A 294 10.86 27.66 -45.85
C VAL A 294 10.26 27.35 -47.22
N ASP A 295 9.49 28.30 -47.75
CA ASP A 295 8.89 28.15 -49.06
C ASP A 295 9.94 27.77 -50.10
N ALA A 296 11.05 28.50 -50.10
CA ALA A 296 12.15 28.24 -51.03
C ALA A 296 12.61 26.78 -50.94
N ALA A 297 12.81 26.31 -49.71
CA ALA A 297 13.24 24.93 -49.47
C ALA A 297 12.18 23.94 -49.95
N VAL A 298 10.92 24.23 -49.68
CA VAL A 298 9.84 23.35 -50.13
C VAL A 298 9.80 23.27 -51.67
N ARG A 299 9.94 24.40 -52.35
CA ARG A 299 9.97 24.43 -53.80
C ARG A 299 11.14 23.59 -54.33
N GLY A 300 12.25 23.64 -53.61
CA GLY A 300 13.43 22.86 -53.95
C GLY A 300 13.24 21.37 -53.74
N ILE A 301 12.49 21.00 -52.71
CA ILE A 301 12.17 19.60 -52.46
C ILE A 301 11.29 19.03 -53.56
N LEU A 302 10.29 19.79 -53.98
CA LEU A 302 9.34 19.32 -54.98
C LEU A 302 9.93 19.38 -56.40
N ARG A 303 11.01 20.12 -56.55
CA ARG A 303 11.75 20.16 -57.81
C ARG A 303 12.71 18.98 -57.88
N ASN A 304 13.17 18.52 -56.72
CA ASN A 304 14.11 17.41 -56.65
C ASN A 304 13.46 16.06 -56.87
N ALA A 305 14.01 15.26 -57.78
CA ALA A 305 13.41 13.99 -58.16
C ALA A 305 13.34 13.01 -56.99
N LYS A 306 14.34 13.04 -56.12
CA LYS A 306 14.44 12.07 -55.03
C LYS A 306 13.63 12.46 -53.81
N LEU A 307 13.50 13.75 -53.54
CA LEU A 307 12.83 14.21 -52.34
C LEU A 307 11.32 14.36 -52.54
N LYS A 308 10.90 14.76 -53.72
CA LYS A 308 9.49 15.04 -53.99
C LYS A 308 8.60 13.89 -53.54
N PRO A 309 8.89 12.67 -54.02
CA PRO A 309 8.03 11.52 -53.72
C PRO A 309 7.98 11.20 -52.23
N VAL A 310 9.12 11.37 -51.55
CA VAL A 310 9.20 11.16 -50.12
C VAL A 310 8.36 12.20 -49.39
N TYR A 311 8.51 13.47 -49.80
CA TYR A 311 7.80 14.57 -49.17
C TYR A 311 6.28 14.41 -49.32
N ASP A 312 5.82 14.11 -50.53
CA ASP A 312 4.40 13.91 -50.78
C ASP A 312 3.83 12.79 -49.90
N SER A 313 4.66 11.81 -49.57
CA SER A 313 4.21 10.61 -48.88
C SER A 313 4.29 10.72 -47.36
N LEU A 314 4.86 11.82 -46.86
CA LEU A 314 5.02 12.02 -45.43
C LEU A 314 3.90 12.86 -44.85
N ASP A 315 3.61 12.64 -43.57
CA ASP A 315 2.69 13.49 -42.83
C ASP A 315 3.38 14.81 -42.50
N ALA A 316 2.59 15.84 -42.20
CA ALA A 316 3.09 17.21 -42.03
C ALA A 316 4.24 17.34 -41.02
N VAL A 317 4.18 16.57 -39.93
CA VAL A 317 5.24 16.57 -38.91
C VAL A 317 6.55 16.03 -39.48
N ARG A 318 6.48 14.87 -40.12
CA ARG A 318 7.68 14.28 -40.71
C ARG A 318 8.18 15.11 -41.88
N ARG A 319 7.27 15.84 -42.53
CA ARG A 319 7.69 16.75 -43.59
C ARG A 319 8.59 17.82 -43.00
N ALA A 320 8.18 18.35 -41.85
CA ALA A 320 8.93 19.39 -41.13
C ALA A 320 10.37 18.96 -40.88
N ALA A 321 10.53 17.70 -40.49
CA ALA A 321 11.85 17.14 -40.29
C ALA A 321 12.62 17.18 -41.61
N LEU A 322 11.95 16.82 -42.70
CA LEU A 322 12.61 16.80 -44.00
C LEU A 322 13.03 18.21 -44.41
N ILE A 323 12.16 19.17 -44.18
CA ILE A 323 12.47 20.56 -44.49
C ILE A 323 13.62 20.99 -43.60
N ASN A 324 13.56 20.61 -42.32
CA ASN A 324 14.60 20.94 -41.37
C ASN A 324 15.99 20.53 -41.89
N MET A 325 16.08 19.36 -42.49
CA MET A 325 17.35 18.85 -43.00
C MET A 325 17.85 19.64 -44.21
N VAL A 326 16.94 20.03 -45.09
CA VAL A 326 17.32 20.83 -46.25
C VAL A 326 17.86 22.18 -45.78
N PHE A 327 17.18 22.77 -44.80
CA PHE A 327 17.63 24.02 -44.17
C PHE A 327 19.10 23.96 -43.75
N GLN A 328 19.44 22.87 -43.09
CA GLN A 328 20.79 22.70 -42.54
C GLN A 328 21.84 22.34 -43.59
N MET A 329 21.56 21.34 -44.43
CA MET A 329 22.57 20.83 -45.37
C MET A 329 22.18 20.99 -46.83
N GLY A 330 21.06 21.65 -47.11
CA GLY A 330 20.62 21.84 -48.48
C GLY A 330 19.97 20.62 -49.10
N GLU A 331 19.33 20.81 -50.25
CA GLU A 331 18.58 19.76 -50.93
C GLU A 331 19.48 18.62 -51.39
N THR A 332 20.61 18.98 -51.99
CA THR A 332 21.53 17.97 -52.50
C THR A 332 22.08 17.12 -51.36
N GLY A 333 22.42 17.76 -50.25
CA GLY A 333 22.98 17.08 -49.10
C GLY A 333 22.06 15.99 -48.56
N VAL A 334 20.76 16.28 -48.58
CA VAL A 334 19.75 15.37 -48.04
C VAL A 334 19.48 14.19 -48.97
N ALA A 335 19.45 14.45 -50.27
CA ALA A 335 19.13 13.43 -51.24
C ALA A 335 20.13 12.26 -51.23
N GLY A 336 21.28 12.46 -50.60
CA GLY A 336 22.28 11.41 -50.53
C GLY A 336 21.97 10.33 -49.50
N PHE A 337 20.87 10.52 -48.76
CA PHE A 337 20.45 9.55 -47.76
C PHE A 337 19.46 8.56 -48.36
N THR A 338 19.70 8.20 -49.61
CA THR A 338 18.80 7.33 -50.37
C THR A 338 18.32 6.14 -49.57
N ASN A 339 19.21 5.53 -48.80
CA ASN A 339 18.85 4.35 -48.03
C ASN A 339 17.82 4.67 -46.97
N SER A 340 17.93 5.85 -46.39
CA SER A 340 17.04 6.25 -45.31
C SER A 340 15.77 6.89 -45.85
N LEU A 341 15.88 7.47 -47.05
CA LEU A 341 14.73 8.11 -47.68
C LEU A 341 13.69 7.08 -48.12
N ARG A 342 14.13 6.03 -48.80
CA ARG A 342 13.23 4.99 -49.26
C ARG A 342 12.54 4.34 -48.07
N MET A 343 13.28 4.21 -46.97
CA MET A 343 12.75 3.61 -45.77
C MET A 343 11.60 4.45 -45.23
N LEU A 344 11.75 5.77 -45.27
CA LEU A 344 10.70 6.67 -44.81
C LEU A 344 9.50 6.54 -45.73
N GLN A 345 9.76 6.40 -47.02
CA GLN A 345 8.70 6.30 -48.02
C GLN A 345 7.97 4.97 -47.90
N GLN A 346 8.61 4.00 -47.27
CA GLN A 346 7.99 2.73 -46.94
C GLN A 346 7.42 2.75 -45.51
N LYS A 347 7.50 3.92 -44.87
CA LYS A 347 6.97 4.11 -43.51
C LYS A 347 7.64 3.22 -42.45
N ARG A 348 8.86 2.79 -42.71
CA ARG A 348 9.64 1.99 -41.76
C ARG A 348 10.46 2.94 -40.91
N TRP A 349 9.85 3.45 -39.83
CA TRP A 349 10.36 4.60 -39.12
C TRP A 349 11.66 4.36 -38.36
N ASP A 350 11.75 3.23 -37.67
CA ASP A 350 12.95 2.90 -36.92
C ASP A 350 14.12 2.63 -37.87
N GLU A 351 13.89 1.73 -38.82
CA GLU A 351 14.91 1.40 -39.82
C GLU A 351 15.55 2.67 -40.35
N ALA A 352 14.73 3.68 -40.61
CA ALA A 352 15.23 4.96 -41.11
C ALA A 352 16.06 5.64 -40.04
N ALA A 353 15.54 5.63 -38.81
CA ALA A 353 16.18 6.29 -37.68
C ALA A 353 17.55 5.70 -37.37
N VAL A 354 17.67 4.38 -37.48
CA VAL A 354 18.91 3.71 -37.14
C VAL A 354 20.00 4.07 -38.14
N ASN A 355 19.62 4.17 -39.41
CA ASN A 355 20.57 4.48 -40.49
C ASN A 355 21.10 5.91 -40.43
N LEU A 356 20.18 6.84 -40.20
CA LEU A 356 20.53 8.25 -40.13
C LEU A 356 21.50 8.55 -38.99
N ALA A 357 21.35 7.85 -37.88
CA ALA A 357 22.22 8.05 -36.74
C ALA A 357 23.67 7.71 -37.10
N LYS A 358 23.85 6.77 -38.02
CA LYS A 358 25.17 6.32 -38.41
C LYS A 358 25.87 7.30 -39.35
N SER A 359 25.15 8.32 -39.79
CA SER A 359 25.69 9.27 -40.76
C SER A 359 26.68 10.23 -40.11
N ARG A 360 27.47 10.91 -40.95
CA ARG A 360 28.40 11.93 -40.49
C ARG A 360 27.64 13.16 -40.00
N TRP A 361 26.52 13.47 -40.66
CA TRP A 361 25.65 14.56 -40.25
C TRP A 361 25.32 14.44 -38.76
N TYR A 362 25.08 13.22 -38.31
CA TYR A 362 24.75 12.95 -36.91
C TYR A 362 25.95 13.24 -36.01
N ASN A 363 27.13 12.77 -36.42
CA ASN A 363 28.34 12.91 -35.62
C ASN A 363 28.72 14.37 -35.39
N GLN A 364 28.60 15.19 -36.44
CA GLN A 364 29.04 16.57 -36.35
C GLN A 364 27.99 17.50 -35.75
N THR A 365 26.74 17.03 -35.66
CA THR A 365 25.67 17.81 -35.02
C THR A 365 24.68 16.88 -34.30
N PRO A 366 25.16 16.18 -33.26
CA PRO A 366 24.41 15.10 -32.60
C PRO A 366 23.07 15.55 -32.02
N ASN A 367 23.10 16.58 -31.20
CA ASN A 367 21.90 17.04 -30.53
C ASN A 367 20.75 17.31 -31.50
N ARG A 368 20.98 18.17 -32.48
CA ARG A 368 19.98 18.49 -33.49
C ARG A 368 19.54 17.25 -34.26
N ALA A 369 20.51 16.49 -34.76
CA ALA A 369 20.24 15.30 -35.55
C ALA A 369 19.21 14.42 -34.83
N LYS A 370 19.43 14.17 -33.55
CA LYS A 370 18.51 13.35 -32.76
C LYS A 370 17.09 13.90 -32.84
N ARG A 371 16.96 15.19 -32.57
CA ARG A 371 15.65 15.85 -32.57
C ARG A 371 14.94 15.62 -33.92
N VAL A 372 15.71 15.58 -35.00
CA VAL A 372 15.11 15.39 -36.32
C VAL A 372 14.72 13.93 -36.46
N ILE A 373 15.64 13.04 -36.10
CA ILE A 373 15.39 11.60 -36.18
C ILE A 373 14.22 11.25 -35.26
N THR A 374 14.19 11.82 -34.08
CA THR A 374 13.10 11.55 -33.15
C THR A 374 11.79 11.93 -33.81
N THR A 375 11.80 13.01 -34.60
CA THR A 375 10.60 13.45 -35.31
C THR A 375 10.20 12.45 -36.39
N PHE A 376 11.18 12.02 -37.18
CA PHE A 376 10.93 11.04 -38.23
C PHE A 376 10.39 9.74 -37.65
N ARG A 377 10.90 9.36 -36.49
CA ARG A 377 10.59 8.07 -35.87
C ARG A 377 9.21 8.07 -35.19
N THR A 378 8.93 9.10 -34.41
CA THR A 378 7.68 9.21 -33.66
C THR A 378 6.56 9.89 -34.45
N GLY A 379 6.92 10.73 -35.41
CA GLY A 379 5.93 11.46 -36.19
C GLY A 379 5.26 12.53 -35.33
N THR A 380 5.97 12.99 -34.30
CA THR A 380 5.45 13.98 -33.37
C THR A 380 6.47 15.07 -33.11
N TRP A 381 6.10 16.03 -32.26
CA TRP A 381 6.98 17.14 -31.97
C TRP A 381 7.71 16.93 -30.65
N ASP A 382 7.56 15.75 -30.07
CA ASP A 382 8.11 15.47 -28.74
C ASP A 382 9.59 15.86 -28.61
N ALA A 383 10.32 15.79 -29.71
CA ALA A 383 11.74 16.16 -29.70
C ALA A 383 11.94 17.64 -29.39
N TYR A 384 10.97 18.44 -29.82
CA TYR A 384 11.04 19.90 -29.68
C TYR A 384 10.10 20.42 -28.60
N ARG A 385 8.90 19.84 -28.54
CA ARG A 385 7.87 20.30 -27.62
C ARG A 385 7.55 19.21 -26.59
N GLU A 386 8.19 19.29 -25.43
CA GLU A 386 8.03 18.29 -24.39
C GLU A 386 6.56 18.05 -24.10
N LYS A 387 6.12 16.81 -24.27
CA LYS A 387 4.73 16.44 -24.03
C LYS A 387 4.58 15.81 -22.65
N ASP A 388 3.43 16.03 -22.02
CA ASP A 388 3.15 15.43 -20.72
C ASP A 388 2.63 14.00 -20.90
N ARG A 389 3.39 13.04 -20.40
CA ARG A 389 3.03 11.64 -20.56
C ARG A 389 1.81 11.29 -19.71
N ASN A 390 1.50 12.14 -18.73
CA ASN A 390 0.43 11.84 -17.79
C ASN A 390 -0.95 11.85 -18.45
N LEU A 391 -1.16 12.77 -19.40
CA LEU A 391 -2.45 12.85 -20.08
C LEU A 391 -2.77 11.54 -20.79
N ARG A 392 -1.78 10.95 -21.45
CA ARG A 392 -1.95 9.69 -22.15
C ARG A 392 -2.09 8.51 -21.17
N ARG A 393 -1.40 8.58 -20.04
CA ARG A 393 -1.45 7.51 -19.04
C ARG A 393 -2.79 7.51 -18.33
N ILE A 394 -3.29 8.69 -18.02
CA ILE A 394 -4.58 8.82 -17.37
C ILE A 394 -5.69 8.40 -18.33
N THR A 395 -5.59 8.86 -19.57
CA THR A 395 -6.62 8.57 -20.57
C THR A 395 -6.70 7.07 -20.82
N ARG A 396 -5.59 6.37 -20.73
CA ARG A 396 -5.61 4.93 -20.95
C ARG A 396 -6.09 4.19 -19.69
N LEU A 397 -5.97 4.86 -18.54
CA LEU A 397 -6.57 4.34 -17.31
C LEU A 397 -8.08 4.29 -17.50
N VAL A 398 -8.65 5.45 -17.82
CA VAL A 398 -10.10 5.56 -17.97
C VAL A 398 -10.59 4.58 -19.03
N LEU A 399 -9.87 4.50 -20.14
CA LEU A 399 -10.29 3.66 -21.25
C LEU A 399 -10.41 2.21 -20.83
N VAL A 400 -9.38 1.70 -20.16
CA VAL A 400 -9.37 0.31 -19.75
C VAL A 400 -10.50 0.02 -18.76
N VAL A 401 -10.65 0.88 -17.76
CA VAL A 401 -11.69 0.69 -16.75
C VAL A 401 -13.05 0.54 -17.43
N VAL A 402 -13.34 1.45 -18.36
CA VAL A 402 -14.56 1.41 -19.13
C VAL A 402 -14.63 0.10 -19.91
N ALA A 403 -13.57 -0.20 -20.66
CA ALA A 403 -13.49 -1.43 -21.44
C ALA A 403 -13.88 -2.66 -20.60
N VAL A 404 -13.26 -2.79 -19.43
CA VAL A 404 -13.52 -3.90 -18.53
C VAL A 404 -14.98 -3.92 -18.08
N PHE A 405 -15.47 -2.76 -17.64
CA PHE A 405 -16.85 -2.66 -17.22
C PHE A 405 -17.77 -3.27 -18.29
N VAL A 406 -17.76 -2.68 -19.48
CA VAL A 406 -18.64 -3.11 -20.56
C VAL A 406 -18.58 -4.62 -20.74
N VAL A 407 -17.36 -5.16 -20.81
CA VAL A 407 -17.19 -6.60 -20.92
C VAL A 407 -17.95 -7.33 -19.82
N CYS A 408 -17.83 -6.82 -18.60
CA CYS A 408 -18.41 -7.51 -17.44
C CYS A 408 -19.91 -7.30 -17.31
N TRP A 409 -20.40 -6.13 -17.69
CA TRP A 409 -21.81 -5.79 -17.48
C TRP A 409 -22.69 -6.07 -18.69
N THR A 410 -22.09 -6.43 -19.81
CA THR A 410 -22.87 -6.70 -21.03
C THR A 410 -23.64 -8.00 -20.93
N PRO A 411 -22.99 -9.07 -20.43
CA PRO A 411 -23.68 -10.34 -20.27
C PRO A 411 -24.96 -10.23 -19.44
N ILE A 412 -24.92 -9.44 -18.38
CA ILE A 412 -26.07 -9.32 -17.50
C ILE A 412 -27.18 -8.50 -18.14
N HIS A 413 -26.82 -7.45 -18.87
CA HIS A 413 -27.81 -6.58 -19.48
C HIS A 413 -28.55 -7.25 -20.63
N ILE A 414 -27.85 -8.08 -21.39
CA ILE A 414 -28.52 -8.81 -22.47
C ILE A 414 -29.34 -9.97 -21.90
N PHE A 415 -28.84 -10.57 -20.83
CA PHE A 415 -29.51 -11.74 -20.24
C PHE A 415 -30.85 -11.38 -19.61
N ILE A 416 -30.91 -10.19 -19.01
CA ILE A 416 -32.15 -9.68 -18.43
C ILE A 416 -33.10 -9.24 -19.55
N LEU A 417 -32.53 -8.72 -20.63
CA LEU A 417 -33.35 -8.25 -21.74
C LEU A 417 -33.94 -9.45 -22.50
N VAL A 418 -33.11 -10.46 -22.72
CA VAL A 418 -33.51 -11.62 -23.50
C VAL A 418 -34.58 -12.43 -22.78
N GLU A 419 -34.43 -12.63 -21.47
CA GLU A 419 -35.42 -13.39 -20.72
C GLU A 419 -36.76 -12.69 -20.73
N ALA A 420 -36.73 -11.37 -20.65
CA ALA A 420 -37.96 -10.58 -20.59
C ALA A 420 -38.68 -10.59 -21.92
N LEU A 421 -37.91 -10.51 -23.00
CA LEU A 421 -38.48 -10.48 -24.35
C LEU A 421 -38.87 -11.87 -24.88
N GLY A 422 -38.36 -12.91 -24.22
CA GLY A 422 -38.65 -14.28 -24.61
C GLY A 422 -39.61 -14.98 -23.66
N SER A 423 -40.05 -16.18 -24.05
CA SER A 423 -40.99 -16.97 -23.26
C SER A 423 -40.44 -18.36 -22.96
N ALA A 429 -33.62 -24.58 -15.16
CA ALA A 429 -32.63 -24.64 -16.23
C ALA A 429 -32.28 -23.25 -16.73
N ALA A 430 -31.01 -23.04 -17.06
CA ALA A 430 -30.49 -21.75 -17.55
C ALA A 430 -30.28 -20.74 -16.43
N LEU A 431 -30.56 -21.14 -15.20
CA LEU A 431 -30.33 -20.28 -14.06
C LEU A 431 -28.83 -20.16 -13.78
N SER A 432 -28.06 -21.09 -14.34
CA SER A 432 -26.60 -21.06 -14.21
C SER A 432 -26.07 -19.84 -14.94
N SER A 433 -26.55 -19.63 -16.16
CA SER A 433 -26.13 -18.48 -16.95
C SER A 433 -26.32 -17.19 -16.15
N TYR A 434 -27.48 -17.04 -15.52
CA TYR A 434 -27.76 -15.85 -14.73
C TYR A 434 -26.61 -15.61 -13.75
N TYR A 435 -26.33 -16.60 -12.92
CA TYR A 435 -25.32 -16.46 -11.87
C TYR A 435 -23.92 -16.16 -12.41
N PHE A 436 -23.57 -16.73 -13.56
CA PHE A 436 -22.33 -16.36 -14.22
C PHE A 436 -22.35 -14.86 -14.55
N CYS A 437 -23.41 -14.41 -15.21
CA CYS A 437 -23.49 -13.00 -15.57
C CYS A 437 -23.41 -12.14 -14.32
N ILE A 438 -24.06 -12.60 -13.25
CA ILE A 438 -24.02 -11.90 -11.98
C ILE A 438 -22.57 -11.87 -11.47
N ALA A 439 -21.88 -12.99 -11.59
CA ALA A 439 -20.52 -13.10 -11.10
C ALA A 439 -19.60 -12.07 -11.73
N LEU A 440 -19.79 -11.79 -13.01
CA LEU A 440 -18.97 -10.80 -13.70
C LEU A 440 -19.15 -9.44 -13.06
N GLY A 441 -20.40 -8.99 -13.01
CA GLY A 441 -20.66 -7.66 -12.48
C GLY A 441 -20.00 -7.48 -11.13
N TYR A 442 -20.00 -8.54 -10.35
CA TYR A 442 -19.35 -8.51 -9.05
C TYR A 442 -17.84 -8.47 -9.20
N THR A 443 -17.33 -9.21 -10.16
CA THR A 443 -15.90 -9.26 -10.43
C THR A 443 -15.41 -7.89 -10.87
N ASN A 444 -16.21 -7.19 -11.67
CA ASN A 444 -15.82 -5.88 -12.14
C ASN A 444 -15.47 -4.97 -10.96
N SER A 445 -16.26 -5.08 -9.90
CA SER A 445 -16.11 -4.21 -8.73
C SER A 445 -14.82 -4.48 -7.98
N SER A 446 -14.35 -5.72 -8.05
CA SER A 446 -13.10 -6.09 -7.41
C SER A 446 -11.90 -5.85 -8.34
N LEU A 447 -12.16 -5.66 -9.62
CA LEU A 447 -11.10 -5.44 -10.60
C LEU A 447 -10.62 -4.00 -10.61
N ASN A 448 -11.58 -3.08 -10.60
CA ASN A 448 -11.27 -1.65 -10.66
C ASN A 448 -10.17 -1.22 -9.71
N PRO A 449 -10.36 -1.45 -8.40
CA PRO A 449 -9.30 -1.17 -7.42
C PRO A 449 -7.91 -1.61 -7.91
N ILE A 450 -7.82 -2.80 -8.50
CA ILE A 450 -6.54 -3.26 -9.02
C ILE A 450 -6.09 -2.39 -10.19
N LEU A 451 -7.01 -2.15 -11.11
CA LEU A 451 -6.70 -1.37 -12.30
C LEU A 451 -6.18 0.00 -11.91
N TYR A 452 -6.80 0.63 -10.91
CA TYR A 452 -6.32 1.93 -10.46
C TYR A 452 -4.85 1.84 -10.09
N ALA A 453 -4.48 0.75 -9.42
CA ALA A 453 -3.14 0.60 -8.88
C ALA A 453 -2.07 0.41 -9.95
N PHE A 454 -2.39 -0.33 -11.01
CA PHE A 454 -1.40 -0.66 -12.04
C PHE A 454 -1.34 0.35 -13.19
N LEU A 455 -2.44 1.06 -13.43
CA LEU A 455 -2.52 2.00 -14.54
C LEU A 455 -2.43 3.46 -14.09
N ASP A 456 -2.16 3.68 -12.81
CA ASP A 456 -1.97 5.03 -12.30
C ASP A 456 -0.88 5.06 -11.21
N GLU A 457 0.31 5.55 -11.56
CA GLU A 457 1.46 5.47 -10.65
C GLU A 457 1.28 6.31 -9.38
N ASN A 458 0.31 7.23 -9.40
CA ASN A 458 0.00 8.04 -8.22
C ASN A 458 -0.78 7.24 -7.19
N PHE A 459 -1.70 6.39 -7.66
CA PHE A 459 -2.45 5.51 -6.78
C PHE A 459 -1.51 4.51 -6.12
N LYS A 460 -0.58 3.96 -6.91
CA LYS A 460 0.37 2.98 -6.41
C LYS A 460 1.25 3.59 -5.32
N ARG A 461 1.60 4.86 -5.47
CA ARG A 461 2.43 5.53 -4.48
C ARG A 461 1.62 5.85 -3.25
N CYS A 462 0.35 6.19 -3.43
CA CYS A 462 -0.50 6.52 -2.30
C CYS A 462 -0.85 5.26 -1.52
N PHE A 463 -1.25 4.21 -2.25
CA PHE A 463 -1.52 2.91 -1.62
C PHE A 463 -0.30 2.46 -0.83
N ARG A 464 0.87 2.56 -1.45
CA ARG A 464 2.11 2.19 -0.80
C ARG A 464 2.26 2.99 0.49
N ASP A 465 2.39 4.30 0.37
CA ASP A 465 2.67 5.16 1.51
C ASP A 465 1.62 5.00 2.62
N PHE A 466 0.42 4.55 2.25
CA PHE A 466 -0.66 4.38 3.21
C PHE A 466 -0.64 3.00 3.89
N CYS A 467 -0.46 1.96 3.11
CA CYS A 467 -0.54 0.58 3.62
C CYS A 467 0.82 0.07 4.12
N PHE A 468 1.90 0.77 3.77
CA PHE A 468 3.25 0.35 4.17
C PHE A 468 4.17 1.54 4.41
N PRO A 469 3.93 2.27 5.50
CA PRO A 469 4.75 3.43 5.85
C PRO A 469 5.86 3.07 6.82
N SER B 18 -31.03 -15.28 14.00
CA SER B 18 -31.22 -13.90 13.58
C SER B 18 -30.70 -13.67 12.16
N PRO B 19 -31.31 -12.74 11.42
CA PRO B 19 -31.02 -12.52 9.99
C PRO B 19 -29.62 -11.99 9.70
N ALA B 20 -29.04 -11.25 10.65
CA ALA B 20 -27.75 -10.59 10.41
C ALA B 20 -26.55 -11.54 10.56
N ILE B 21 -26.69 -12.54 11.43
CA ILE B 21 -25.58 -13.45 11.72
C ILE B 21 -24.93 -14.06 10.47
N PRO B 22 -25.74 -14.67 9.58
CA PRO B 22 -25.22 -15.27 8.34
C PRO B 22 -24.38 -14.29 7.51
N VAL B 23 -24.88 -13.07 7.36
CA VAL B 23 -24.13 -12.03 6.64
C VAL B 23 -22.77 -11.81 7.30
N ILE B 24 -22.79 -11.56 8.60
CA ILE B 24 -21.56 -11.25 9.33
C ILE B 24 -20.55 -12.38 9.16
N ILE B 25 -21.01 -13.63 9.28
CA ILE B 25 -20.11 -14.76 9.20
C ILE B 25 -19.54 -14.92 7.79
N THR B 26 -20.38 -14.77 6.78
CA THR B 26 -19.93 -14.92 5.40
C THR B 26 -18.79 -13.93 5.16
N ALA B 27 -19.03 -12.67 5.52
CA ALA B 27 -18.05 -11.62 5.28
C ALA B 27 -16.75 -11.93 5.99
N VAL B 28 -16.83 -12.13 7.31
CA VAL B 28 -15.66 -12.44 8.11
C VAL B 28 -14.95 -13.71 7.62
N TYR B 29 -15.74 -14.75 7.35
CA TYR B 29 -15.19 -15.98 6.77
C TYR B 29 -14.36 -15.66 5.53
N SER B 30 -14.90 -14.80 4.66
CA SER B 30 -14.25 -14.48 3.39
C SER B 30 -12.88 -13.84 3.59
N VAL B 31 -12.86 -12.75 4.35
CA VAL B 31 -11.60 -12.04 4.62
C VAL B 31 -10.58 -12.94 5.29
N VAL B 32 -11.01 -13.71 6.27
CA VAL B 32 -10.13 -14.65 6.93
C VAL B 32 -9.49 -15.58 5.89
N PHE B 33 -10.30 -16.10 4.97
CA PHE B 33 -9.78 -16.98 3.94
C PHE B 33 -8.75 -16.28 3.06
N VAL B 34 -9.14 -15.13 2.49
CA VAL B 34 -8.29 -14.44 1.53
C VAL B 34 -6.96 -14.01 2.16
N VAL B 35 -7.03 -13.28 3.26
CA VAL B 35 -5.83 -12.79 3.91
C VAL B 35 -5.00 -14.00 4.32
N GLY B 36 -5.66 -15.07 4.72
CA GLY B 36 -5.00 -16.26 5.20
C GLY B 36 -4.22 -16.97 4.11
N LEU B 37 -4.88 -17.20 2.99
CA LEU B 37 -4.22 -17.90 1.88
C LEU B 37 -3.26 -16.95 1.16
N VAL B 38 -3.68 -15.71 0.94
CA VAL B 38 -2.86 -14.76 0.18
C VAL B 38 -1.69 -14.26 1.02
N GLY B 39 -1.98 -13.92 2.27
CA GLY B 39 -0.99 -13.41 3.20
C GLY B 39 0.16 -14.36 3.49
N ASN B 40 -0.16 -15.64 3.64
CA ASN B 40 0.89 -16.61 3.91
C ASN B 40 1.62 -17.06 2.65
N SER B 41 0.94 -16.96 1.51
CA SER B 41 1.59 -17.26 0.25
C SER B 41 2.64 -16.20 0.02
N LEU B 42 2.30 -14.97 0.41
CA LEU B 42 3.16 -13.83 0.15
C LEU B 42 4.41 -13.93 1.01
N VAL B 43 4.24 -14.43 2.23
CA VAL B 43 5.35 -14.56 3.15
C VAL B 43 6.35 -15.58 2.66
N MET B 44 5.86 -16.77 2.32
CA MET B 44 6.75 -17.80 1.81
C MET B 44 7.54 -17.26 0.62
N PHE B 45 6.86 -16.58 -0.30
CA PHE B 45 7.50 -16.10 -1.52
C PHE B 45 8.61 -15.10 -1.22
N VAL B 46 8.29 -14.11 -0.39
CA VAL B 46 9.25 -13.10 0.01
C VAL B 46 10.48 -13.75 0.63
N ILE B 47 10.24 -14.61 1.62
CA ILE B 47 11.35 -15.25 2.31
C ILE B 47 12.26 -15.97 1.32
N ILE B 48 11.66 -16.57 0.29
CA ILE B 48 12.40 -17.40 -0.65
C ILE B 48 13.29 -16.58 -1.60
N ARG B 49 12.80 -15.42 -2.03
CA ARG B 49 13.44 -14.70 -3.14
C ARG B 49 14.47 -13.66 -2.70
N TYR B 50 14.51 -13.36 -1.40
CA TYR B 50 15.34 -12.25 -0.93
C TYR B 50 16.39 -12.65 0.12
N THR B 51 17.64 -12.43 -0.22
CA THR B 51 18.77 -12.93 0.57
C THR B 51 18.71 -12.38 1.98
N LYS B 52 18.29 -11.12 2.12
CA LYS B 52 18.26 -10.50 3.44
C LYS B 52 17.10 -11.05 4.27
N MET B 53 16.28 -11.90 3.66
CA MET B 53 15.17 -12.51 4.40
C MET B 53 15.52 -13.89 4.96
N LYS B 54 16.75 -14.35 4.70
CA LYS B 54 17.20 -15.66 5.18
C LYS B 54 17.79 -15.58 6.60
N THR B 55 16.93 -15.84 7.58
CA THR B 55 17.34 -15.78 8.97
C THR B 55 16.62 -16.84 9.79
N ALA B 56 17.28 -17.30 10.84
CA ALA B 56 16.74 -18.35 11.68
C ALA B 56 15.25 -18.12 11.91
N THR B 57 14.91 -16.95 12.43
CA THR B 57 13.52 -16.61 12.70
C THR B 57 12.64 -16.79 11.46
N ASN B 58 13.06 -16.19 10.35
CA ASN B 58 12.26 -16.22 9.14
C ASN B 58 12.08 -17.61 8.55
N ILE B 59 13.08 -18.47 8.74
CA ILE B 59 12.96 -19.84 8.27
C ILE B 59 11.83 -20.54 9.04
N TYR B 60 11.69 -20.22 10.33
CA TYR B 60 10.54 -20.72 11.10
C TYR B 60 9.26 -20.11 10.57
N ILE B 61 9.24 -18.78 10.49
CA ILE B 61 8.09 -18.08 9.94
C ILE B 61 7.63 -18.73 8.64
N PHE B 62 8.57 -19.08 7.76
CA PHE B 62 8.20 -19.70 6.51
C PHE B 62 7.42 -20.97 6.80
N ASN B 63 8.00 -21.81 7.65
CA ASN B 63 7.38 -23.06 8.02
C ASN B 63 6.00 -22.83 8.60
N LEU B 64 5.88 -21.80 9.43
CA LEU B 64 4.61 -21.48 10.05
C LEU B 64 3.57 -21.08 9.00
N ALA B 65 3.91 -20.08 8.18
CA ALA B 65 3.02 -19.61 7.14
C ALA B 65 2.65 -20.74 6.17
N LEU B 66 3.57 -21.69 5.98
CA LEU B 66 3.29 -22.83 5.12
C LEU B 66 2.18 -23.69 5.69
N ALA B 67 2.18 -23.80 7.02
CA ALA B 67 1.15 -24.52 7.74
C ALA B 67 -0.15 -23.73 7.75
N ASP B 68 -0.04 -22.41 7.92
CA ASP B 68 -1.22 -21.55 7.94
C ASP B 68 -1.87 -21.49 6.56
N ALA B 69 -1.06 -21.55 5.52
CA ALA B 69 -1.58 -21.52 4.16
C ALA B 69 -2.34 -22.81 3.89
N LEU B 70 -1.74 -23.94 4.25
CA LEU B 70 -2.38 -25.23 4.01
C LEU B 70 -3.75 -25.36 4.67
N VAL B 71 -3.83 -24.96 5.94
CA VAL B 71 -5.07 -25.12 6.67
C VAL B 71 -6.13 -24.19 6.09
N THR B 72 -5.70 -23.07 5.55
CA THR B 72 -6.64 -22.12 4.97
C THR B 72 -7.32 -22.72 3.74
N THR B 73 -6.62 -23.60 3.03
CA THR B 73 -7.20 -24.21 1.83
C THR B 73 -8.35 -25.13 2.21
N THR B 74 -8.49 -25.42 3.50
CA THR B 74 -9.56 -26.30 3.95
C THR B 74 -10.83 -25.53 4.32
N MET B 75 -10.71 -24.21 4.45
CA MET B 75 -11.86 -23.39 4.78
C MET B 75 -13.05 -23.59 3.85
N PRO B 76 -12.81 -23.56 2.52
CA PRO B 76 -13.92 -23.77 1.59
C PRO B 76 -14.56 -25.15 1.73
N PHE B 77 -13.77 -26.15 2.10
CA PHE B 77 -14.29 -27.49 2.33
C PHE B 77 -15.18 -27.48 3.56
N GLN B 78 -14.75 -26.78 4.60
CA GLN B 78 -15.50 -26.72 5.85
C GLN B 78 -16.84 -26.01 5.68
N SER B 79 -16.84 -24.88 4.99
CA SER B 79 -18.08 -24.17 4.75
C SER B 79 -19.05 -25.05 3.97
N THR B 80 -18.51 -25.89 3.06
CA THR B 80 -19.33 -26.73 2.21
C THR B 80 -19.98 -27.84 3.04
N VAL B 81 -19.15 -28.57 3.77
CA VAL B 81 -19.62 -29.64 4.64
C VAL B 81 -20.59 -29.13 5.70
N TYR B 82 -20.41 -27.86 6.09
CA TYR B 82 -21.31 -27.23 7.04
C TYR B 82 -22.70 -27.07 6.43
N LEU B 83 -22.75 -26.53 5.22
CA LEU B 83 -24.00 -26.23 4.56
C LEU B 83 -24.73 -27.52 4.16
N MET B 84 -24.04 -28.41 3.47
CA MET B 84 -24.63 -29.69 3.05
C MET B 84 -24.77 -30.62 4.25
N ASN B 85 -24.04 -30.31 5.31
CA ASN B 85 -24.08 -31.09 6.54
C ASN B 85 -23.38 -32.45 6.42
N SER B 86 -22.92 -32.78 5.22
CA SER B 86 -22.24 -34.05 4.97
C SER B 86 -20.95 -33.85 4.18
N TRP B 87 -20.21 -34.95 4.00
CA TRP B 87 -18.94 -34.92 3.29
C TRP B 87 -19.08 -35.45 1.86
N PRO B 88 -19.11 -34.55 0.86
CA PRO B 88 -19.27 -34.91 -0.56
C PRO B 88 -17.99 -35.31 -1.26
N PHE B 89 -16.85 -35.07 -0.63
CA PHE B 89 -15.57 -35.16 -1.31
C PHE B 89 -14.97 -36.57 -1.33
N GLY B 90 -15.64 -37.52 -0.69
CA GLY B 90 -15.16 -38.88 -0.67
C GLY B 90 -13.95 -39.08 0.22
N ASP B 91 -13.46 -40.30 0.28
CA ASP B 91 -12.39 -40.65 1.23
C ASP B 91 -11.06 -39.99 0.90
N VAL B 92 -10.66 -40.06 -0.36
CA VAL B 92 -9.37 -39.53 -0.77
C VAL B 92 -9.19 -38.10 -0.27
N LEU B 93 -10.18 -37.25 -0.53
CA LEU B 93 -10.13 -35.87 -0.07
C LEU B 93 -10.29 -35.83 1.45
N CYS B 94 -11.06 -36.79 1.98
CA CYS B 94 -11.29 -36.86 3.42
C CYS B 94 -9.99 -37.17 4.17
N LYS B 95 -9.26 -38.15 3.67
CA LYS B 95 -8.00 -38.55 4.30
C LYS B 95 -6.97 -37.43 4.17
N ILE B 96 -7.02 -36.70 3.05
CA ILE B 96 -6.11 -35.58 2.82
C ILE B 96 -6.46 -34.40 3.74
N VAL B 97 -7.69 -33.91 3.64
CA VAL B 97 -8.14 -32.76 4.41
C VAL B 97 -7.88 -32.95 5.92
N LEU B 98 -7.91 -34.20 6.37
CA LEU B 98 -7.66 -34.52 7.77
C LEU B 98 -6.18 -34.44 8.12
N SER B 99 -5.32 -35.00 7.27
CA SER B 99 -3.90 -34.96 7.55
C SER B 99 -3.44 -33.50 7.64
N ILE B 100 -4.06 -32.65 6.82
CA ILE B 100 -3.76 -31.23 6.85
C ILE B 100 -4.23 -30.63 8.16
N ASP B 101 -5.36 -31.12 8.64
CA ASP B 101 -5.91 -30.63 9.91
C ASP B 101 -4.91 -30.85 11.06
N TYR B 102 -4.38 -32.06 11.07
CA TYR B 102 -3.40 -32.47 12.09
C TYR B 102 -2.00 -31.90 11.85
N TYR B 103 -1.49 -32.08 10.63
CA TYR B 103 -0.22 -31.48 10.26
C TYR B 103 -0.22 -30.04 10.72
N ASN B 104 -1.18 -29.27 10.24
CA ASN B 104 -1.24 -27.87 10.61
C ASN B 104 -1.15 -27.68 12.11
N MET B 105 -1.93 -28.47 12.84
CA MET B 105 -1.98 -28.34 14.29
C MET B 105 -0.61 -28.56 14.93
N PHE B 106 -0.02 -29.73 14.69
CA PHE B 106 1.27 -30.07 15.29
C PHE B 106 2.44 -29.27 14.71
N THR B 107 2.47 -29.14 13.39
CA THR B 107 3.54 -28.38 12.74
C THR B 107 3.61 -26.96 13.28
N SER B 108 2.49 -26.26 13.28
CA SER B 108 2.49 -24.85 13.64
C SER B 108 2.96 -24.64 15.07
N ILE B 109 2.37 -25.37 16.02
CA ILE B 109 2.72 -25.22 17.43
C ILE B 109 4.20 -25.57 17.70
N PHE B 110 4.71 -26.62 17.06
CA PHE B 110 6.09 -27.02 17.25
C PHE B 110 7.04 -25.97 16.69
N THR B 111 6.60 -25.27 15.65
CA THR B 111 7.41 -24.23 15.05
C THR B 111 7.51 -23.10 16.07
N LEU B 112 6.37 -22.58 16.51
CA LEU B 112 6.38 -21.44 17.43
C LEU B 112 7.26 -21.74 18.64
N THR B 113 7.21 -22.97 19.11
CA THR B 113 8.02 -23.39 20.24
C THR B 113 9.49 -23.20 19.89
N MET B 114 9.92 -23.81 18.81
CA MET B 114 11.30 -23.69 18.36
C MET B 114 11.66 -22.24 18.06
N MET B 115 10.70 -21.52 17.51
CA MET B 115 10.84 -20.09 17.27
C MET B 115 11.17 -19.36 18.56
N SER B 116 10.42 -19.68 19.62
CA SER B 116 10.68 -19.12 20.93
C SER B 116 12.02 -19.59 21.48
N VAL B 117 12.27 -20.89 21.38
CA VAL B 117 13.53 -21.43 21.84
C VAL B 117 14.68 -20.72 21.14
N ASP B 118 14.55 -20.58 19.82
CA ASP B 118 15.57 -19.95 19.00
C ASP B 118 15.90 -18.54 19.54
N ARG B 119 14.87 -17.83 19.98
CA ARG B 119 15.04 -16.49 20.54
C ARG B 119 15.65 -16.55 21.91
N TYR B 120 15.32 -17.61 22.65
CA TYR B 120 15.87 -17.80 23.97
C TYR B 120 17.38 -17.94 23.87
N ILE B 121 17.82 -18.62 22.82
CA ILE B 121 19.26 -18.80 22.60
C ILE B 121 19.89 -17.45 22.26
N ALA B 122 19.22 -16.68 21.40
CA ALA B 122 19.74 -15.39 20.95
C ALA B 122 20.01 -14.47 22.12
N VAL B 123 19.25 -14.63 23.19
CA VAL B 123 19.34 -13.73 24.32
C VAL B 123 20.21 -14.27 25.45
N CYS B 124 20.05 -15.55 25.78
CA CYS B 124 20.75 -16.14 26.92
C CYS B 124 22.00 -16.91 26.52
N HIS B 125 22.21 -17.08 25.22
CA HIS B 125 23.38 -17.80 24.74
C HIS B 125 23.94 -17.15 23.49
N PRO B 126 24.28 -15.87 23.61
CA PRO B 126 24.77 -15.08 22.48
C PRO B 126 25.98 -15.70 21.81
N VAL B 127 26.90 -16.25 22.59
CA VAL B 127 28.11 -16.83 22.01
C VAL B 127 27.76 -18.04 21.13
N LYS B 128 27.00 -18.99 21.68
CA LYS B 128 26.55 -20.16 20.90
C LYS B 128 25.58 -19.73 19.81
N ALA B 129 24.88 -18.63 20.05
CA ALA B 129 23.90 -18.13 19.09
C ALA B 129 24.56 -17.89 17.74
N LEU B 130 25.79 -17.41 17.76
CA LEU B 130 26.53 -17.15 16.52
C LEU B 130 26.66 -18.39 15.64
N ASP B 131 26.74 -19.56 16.26
CA ASP B 131 26.93 -20.81 15.54
C ASP B 131 25.60 -21.54 15.33
N PHE B 132 24.71 -21.44 16.32
CA PHE B 132 23.43 -22.12 16.27
C PHE B 132 22.43 -21.46 15.34
N ARG B 133 22.25 -20.15 15.50
CA ARG B 133 21.21 -19.44 14.75
C ARG B 133 21.66 -19.13 13.32
N THR B 134 21.29 -20.03 12.42
CA THR B 134 21.56 -19.87 11.00
C THR B 134 20.41 -20.50 10.23
N PRO B 135 20.05 -19.91 9.11
CA PRO B 135 18.95 -20.43 8.28
C PRO B 135 19.02 -21.94 8.09
N LEU B 136 20.24 -22.47 7.90
CA LEU B 136 20.41 -23.91 7.67
C LEU B 136 19.91 -24.70 8.87
N LYS B 137 20.47 -24.46 10.04
CA LYS B 137 20.08 -25.22 11.21
C LYS B 137 18.58 -25.14 11.45
N ALA B 138 17.98 -24.01 11.09
CA ALA B 138 16.54 -23.81 11.26
C ALA B 138 15.77 -24.66 10.25
N LYS B 139 16.31 -24.80 9.04
CA LYS B 139 15.68 -25.62 8.01
C LYS B 139 15.65 -27.07 8.47
N ILE B 140 16.79 -27.52 9.01
CA ILE B 140 16.91 -28.89 9.51
C ILE B 140 15.85 -29.14 10.58
N ILE B 141 15.74 -28.20 11.51
CA ILE B 141 14.79 -28.34 12.60
C ILE B 141 13.35 -28.35 12.07
N ASN B 142 13.03 -27.44 11.16
CA ASN B 142 11.74 -27.43 10.50
C ASN B 142 11.42 -28.82 9.97
N ILE B 143 12.34 -29.38 9.19
CA ILE B 143 12.11 -30.68 8.59
C ILE B 143 11.70 -31.70 9.65
N CYS B 144 12.42 -31.71 10.77
CA CYS B 144 12.12 -32.63 11.86
C CYS B 144 10.68 -32.48 12.32
N ILE B 145 10.26 -31.23 12.51
CA ILE B 145 8.90 -30.95 12.92
C ILE B 145 7.90 -31.65 12.00
N TRP B 146 8.19 -31.65 10.70
CA TRP B 146 7.31 -32.28 9.73
C TRP B 146 7.40 -33.80 9.79
N LEU B 147 8.58 -34.31 10.11
CA LEU B 147 8.74 -35.75 10.29
C LEU B 147 8.06 -36.18 11.58
N LEU B 148 8.23 -35.39 12.63
CA LEU B 148 7.54 -35.65 13.89
C LEU B 148 6.03 -35.62 13.68
N SER B 149 5.53 -34.51 13.11
CA SER B 149 4.11 -34.34 12.88
C SER B 149 3.53 -35.47 12.04
N SER B 150 4.39 -36.12 11.26
CA SER B 150 3.93 -37.18 10.36
C SER B 150 3.42 -38.39 11.11
N SER B 151 3.73 -38.48 12.40
CA SER B 151 3.20 -39.56 13.20
C SER B 151 1.66 -39.48 13.28
N VAL B 152 1.13 -38.27 13.30
CA VAL B 152 -0.32 -38.08 13.34
C VAL B 152 -0.82 -37.64 11.97
N GLY B 153 0.07 -37.08 11.17
CA GLY B 153 -0.29 -36.64 9.84
C GLY B 153 -0.53 -37.84 8.93
N ILE B 154 0.35 -38.83 9.03
CA ILE B 154 0.27 -39.99 8.15
C ILE B 154 -0.79 -40.95 8.65
N SER B 155 -0.83 -41.16 9.96
CA SER B 155 -1.83 -42.03 10.54
C SER B 155 -3.22 -41.47 10.24
N ALA B 156 -3.31 -40.15 10.08
CA ALA B 156 -4.56 -39.52 9.70
C ALA B 156 -4.95 -39.97 8.30
N ILE B 157 -3.95 -40.06 7.42
CA ILE B 157 -4.17 -40.54 6.08
C ILE B 157 -4.63 -42.00 6.13
N VAL B 158 -4.13 -42.74 7.10
CA VAL B 158 -4.45 -44.15 7.23
C VAL B 158 -5.83 -44.34 7.87
N LEU B 159 -6.10 -43.58 8.93
CA LEU B 159 -7.35 -43.71 9.65
C LEU B 159 -8.46 -42.82 9.07
N GLY B 160 -8.10 -41.97 8.12
CA GLY B 160 -9.06 -41.11 7.48
C GLY B 160 -9.96 -41.90 6.56
N GLY B 161 -11.23 -41.51 6.50
CA GLY B 161 -12.20 -42.22 5.69
C GLY B 161 -13.61 -41.70 5.91
N THR B 162 -14.50 -42.01 4.98
CA THR B 162 -15.89 -41.59 5.08
C THR B 162 -16.76 -42.80 5.32
N LYS B 163 -17.69 -42.70 6.27
CA LYS B 163 -18.68 -43.75 6.49
C LYS B 163 -20.08 -43.14 6.48
N VAL B 164 -20.96 -43.71 5.67
CA VAL B 164 -22.35 -43.27 5.60
C VAL B 164 -23.04 -43.55 6.93
N ARG B 165 -23.52 -42.49 7.58
CA ARG B 165 -24.16 -42.61 8.89
C ARG B 165 -25.53 -43.27 8.77
N GLU B 166 -25.98 -43.91 9.85
CA GLU B 166 -27.27 -44.57 9.88
C GLU B 166 -28.31 -43.67 10.54
N ASP B 167 -29.57 -43.89 10.19
CA ASP B 167 -30.65 -43.06 10.69
C ASP B 167 -30.70 -41.73 9.92
N VAL B 168 -29.71 -41.52 9.05
CA VAL B 168 -29.62 -40.33 8.23
C VAL B 168 -28.88 -40.66 6.93
N ASP B 169 -28.98 -39.79 5.92
CA ASP B 169 -28.33 -40.01 4.64
C ASP B 169 -27.05 -39.18 4.51
N VAL B 170 -26.52 -38.74 5.65
CA VAL B 170 -25.33 -37.88 5.67
C VAL B 170 -24.04 -38.69 5.71
N ILE B 171 -23.08 -38.31 4.87
CA ILE B 171 -21.76 -38.91 4.87
C ILE B 171 -20.92 -38.25 5.97
N GLU B 172 -20.03 -39.03 6.59
CA GLU B 172 -19.20 -38.51 7.66
C GLU B 172 -17.73 -38.72 7.37
N CYS B 173 -16.98 -37.62 7.38
CA CYS B 173 -15.54 -37.68 7.20
C CYS B 173 -14.90 -37.59 8.58
N SER B 174 -14.21 -38.65 8.98
CA SER B 174 -13.56 -38.67 10.28
C SER B 174 -12.60 -39.83 10.43
N LEU B 175 -11.83 -39.82 11.51
CA LEU B 175 -10.93 -40.92 11.84
C LEU B 175 -11.72 -42.17 12.18
N GLN B 176 -11.31 -43.30 11.62
CA GLN B 176 -12.04 -44.56 11.77
C GLN B 176 -11.25 -45.58 12.58
N PHE B 177 -11.44 -45.56 13.90
CA PHE B 177 -10.81 -46.54 14.76
C PHE B 177 -11.67 -47.81 14.77
N PRO B 178 -11.09 -48.94 15.20
CA PRO B 178 -11.89 -50.16 15.30
C PRO B 178 -13.13 -49.92 16.15
N ASP B 179 -14.31 -50.18 15.59
CA ASP B 179 -15.56 -49.92 16.28
C ASP B 179 -15.65 -50.75 17.57
N ASP B 180 -16.55 -50.36 18.45
CA ASP B 180 -16.75 -51.01 19.76
C ASP B 180 -15.72 -50.50 20.76
N ASP B 181 -14.50 -50.26 20.28
CA ASP B 181 -13.47 -49.63 21.08
C ASP B 181 -13.28 -48.19 20.61
N TYR B 182 -14.13 -47.77 19.67
CA TYR B 182 -14.00 -46.47 19.01
C TYR B 182 -13.98 -45.31 20.00
N SER B 183 -14.94 -45.31 20.91
CA SER B 183 -15.09 -44.23 21.88
C SER B 183 -13.81 -43.95 22.67
N TRP B 184 -13.08 -45.02 23.02
CA TRP B 184 -11.92 -44.90 23.88
C TRP B 184 -10.66 -44.49 23.12
N TRP B 185 -10.44 -45.07 21.95
CA TRP B 185 -9.32 -44.68 21.11
C TRP B 185 -9.36 -43.17 20.87
N ASP B 186 -10.52 -42.67 20.47
CA ASP B 186 -10.68 -41.24 20.23
C ASP B 186 -10.11 -40.51 21.45
N LEU B 187 -10.65 -40.86 22.62
CA LEU B 187 -10.26 -40.21 23.87
C LEU B 187 -8.77 -40.32 24.10
N PHE B 188 -8.24 -41.52 23.89
CA PHE B 188 -6.82 -41.76 24.03
C PHE B 188 -6.02 -40.75 23.21
N MET B 189 -6.36 -40.64 21.93
CA MET B 189 -5.63 -39.76 21.04
C MET B 189 -5.84 -38.30 21.41
N LYS B 190 -7.07 -37.93 21.73
CA LYS B 190 -7.37 -36.53 22.03
C LYS B 190 -6.57 -36.06 23.25
N ILE B 191 -6.49 -36.89 24.27
CA ILE B 191 -5.66 -36.56 25.41
C ILE B 191 -4.19 -36.36 25.02
N CYS B 192 -3.63 -37.34 24.31
CA CYS B 192 -2.26 -37.25 23.83
C CYS B 192 -2.03 -36.00 22.96
N VAL B 193 -2.99 -35.71 22.09
CA VAL B 193 -2.90 -34.51 21.25
C VAL B 193 -2.90 -33.29 22.13
N PHE B 194 -3.69 -33.33 23.20
CA PHE B 194 -3.78 -32.18 24.10
C PHE B 194 -2.44 -31.95 24.81
N ILE B 195 -1.85 -33.01 25.33
CA ILE B 195 -0.59 -32.91 26.07
C ILE B 195 0.55 -32.44 25.16
N PHE B 196 0.68 -33.10 24.00
CA PHE B 196 1.81 -32.87 23.10
C PHE B 196 1.65 -31.63 22.22
N ALA B 197 0.42 -31.30 21.85
CA ALA B 197 0.20 -30.21 20.93
C ALA B 197 -0.24 -28.94 21.63
N PHE B 198 -0.16 -28.93 22.95
CA PHE B 198 -0.55 -27.75 23.71
C PHE B 198 0.21 -27.59 25.01
N VAL B 199 -0.08 -28.44 25.98
CA VAL B 199 0.45 -28.23 27.32
C VAL B 199 1.98 -28.13 27.31
N ILE B 200 2.65 -29.12 26.72
CA ILE B 200 4.11 -29.16 26.67
C ILE B 200 4.76 -28.00 25.90
N PRO B 201 4.37 -27.80 24.63
CA PRO B 201 4.92 -26.66 23.91
C PRO B 201 4.69 -25.34 24.65
N VAL B 202 3.49 -25.12 25.16
CA VAL B 202 3.18 -23.89 25.87
C VAL B 202 4.08 -23.74 27.08
N LEU B 203 4.23 -24.79 27.87
CA LEU B 203 5.17 -24.74 28.99
C LEU B 203 6.55 -24.30 28.54
N ILE B 204 7.12 -25.02 27.58
CA ILE B 204 8.45 -24.70 27.09
C ILE B 204 8.51 -23.23 26.71
N ILE B 205 7.50 -22.78 25.99
CA ILE B 205 7.44 -21.40 25.56
C ILE B 205 7.45 -20.48 26.79
N ILE B 206 6.68 -20.83 27.80
CA ILE B 206 6.64 -20.02 29.02
C ILE B 206 8.02 -19.96 29.68
N VAL B 207 8.64 -21.12 29.84
CA VAL B 207 10.00 -21.18 30.39
C VAL B 207 10.96 -20.31 29.58
N CYS B 208 10.92 -20.48 28.25
CA CYS B 208 11.79 -19.71 27.37
C CYS B 208 11.63 -18.23 27.64
N TYR B 209 10.40 -17.75 27.61
CA TYR B 209 10.15 -16.32 27.68
C TYR B 209 10.30 -15.74 29.09
N THR B 210 10.35 -16.58 30.11
CA THR B 210 10.66 -16.07 31.45
C THR B 210 12.17 -15.92 31.59
N LEU B 211 12.92 -16.91 31.09
CA LEU B 211 14.38 -16.85 31.16
C LEU B 211 14.91 -15.65 30.38
N MET B 212 14.23 -15.28 29.30
CA MET B 212 14.62 -14.12 28.50
C MET B 212 14.45 -12.82 29.26
N ILE B 213 13.22 -12.54 29.68
CA ILE B 213 12.93 -11.26 30.30
C ILE B 213 13.81 -11.06 31.53
N LEU B 214 14.07 -12.15 32.27
CA LEU B 214 14.93 -12.06 33.44
C LEU B 214 16.33 -11.58 33.06
N ARG B 215 16.84 -12.06 31.93
CA ARG B 215 18.19 -11.71 31.48
C ARG B 215 18.23 -10.36 30.79
N LEU B 216 17.15 -10.00 30.10
CA LEU B 216 17.03 -8.67 29.55
C LEU B 216 16.95 -7.65 30.68
N LYS B 217 16.12 -7.93 31.68
CA LYS B 217 16.02 -7.04 32.83
C LYS B 217 17.41 -6.91 33.45
N SER B 218 18.10 -8.05 33.53
CA SER B 218 19.40 -8.13 34.18
C SER B 218 20.44 -7.30 33.42
N VAL B 219 20.37 -7.30 32.09
CA VAL B 219 21.32 -6.57 31.27
C VAL B 219 20.94 -5.09 31.19
N ARG B 220 19.65 -4.81 31.07
CA ARG B 220 19.19 -3.44 30.87
C ARG B 220 19.65 -2.53 31.99
N LEU B 221 19.88 -3.08 33.17
CA LEU B 221 20.25 -2.26 34.32
C LEU B 221 21.78 -2.14 34.45
N LEU B 222 22.49 -2.72 33.49
CA LEU B 222 23.93 -2.52 33.36
C LEU B 222 24.22 -1.57 32.21
N SER B 223 23.19 -1.22 31.45
CA SER B 223 23.35 -0.34 30.29
C SER B 223 22.96 1.09 30.62
N GLY B 224 22.79 1.36 31.91
CA GLY B 224 22.46 2.71 32.36
C GLY B 224 23.48 3.27 33.33
N ASN B 225 23.47 4.58 33.47
CA ASN B 225 24.43 5.27 34.32
C ASN B 225 23.96 6.70 34.54
N ILE B 226 24.58 7.38 35.50
CA ILE B 226 24.16 8.74 35.85
C ILE B 226 24.26 9.69 34.66
N PHE B 227 25.25 9.46 33.82
CA PHE B 227 25.56 10.35 32.71
C PHE B 227 24.47 10.33 31.63
N GLU B 228 24.24 9.16 31.05
CA GLU B 228 23.14 8.98 30.10
C GLU B 228 21.83 9.49 30.69
N MET B 229 21.62 9.22 31.98
CA MET B 229 20.40 9.63 32.67
C MET B 229 20.20 11.14 32.60
N LEU B 230 21.21 11.89 33.05
CA LEU B 230 21.13 13.35 33.08
C LEU B 230 21.18 13.99 31.68
N ARG B 231 21.78 13.30 30.71
CA ARG B 231 21.79 13.78 29.34
C ARG B 231 20.35 13.89 28.81
N ILE B 232 19.49 12.95 29.24
CA ILE B 232 18.09 12.94 28.82
C ILE B 232 17.25 13.96 29.59
N ASP B 233 17.40 13.98 30.91
CA ASP B 233 16.65 14.91 31.75
C ASP B 233 17.09 16.36 31.51
N GLU B 234 18.38 16.56 31.31
CA GLU B 234 18.95 17.90 31.21
C GLU B 234 19.14 18.36 29.76
N GLY B 235 19.28 17.42 28.83
CA GLY B 235 19.45 17.75 27.43
C GLY B 235 20.84 18.27 27.08
N LEU B 236 21.05 18.62 25.81
CA LEU B 236 22.34 19.10 25.34
C LEU B 236 22.21 20.22 24.30
N ARG B 237 22.94 21.32 24.52
CA ARG B 237 23.02 22.40 23.55
C ARG B 237 24.44 22.99 23.57
N LEU B 238 25.09 22.98 22.41
CA LEU B 238 26.50 23.39 22.33
C LEU B 238 26.68 24.91 22.23
N LYS B 239 25.59 25.64 22.08
CA LYS B 239 25.64 27.10 22.07
C LYS B 239 24.79 27.63 23.22
N ILE B 240 25.16 28.79 23.75
CA ILE B 240 24.53 29.35 24.95
C ILE B 240 23.05 29.65 24.77
N TYR B 241 22.24 29.33 25.78
CA TYR B 241 20.80 29.52 25.72
C TYR B 241 20.21 29.87 27.09
N LYS B 242 19.05 30.51 27.10
CA LYS B 242 18.35 30.84 28.35
C LYS B 242 17.53 29.64 28.85
N ASP B 243 17.75 29.22 30.09
CA ASP B 243 17.05 28.04 30.60
C ASP B 243 15.58 28.35 30.89
N THR B 244 14.92 27.45 31.61
CA THR B 244 13.50 27.60 31.95
C THR B 244 13.22 28.86 32.79
N GLU B 245 14.19 29.29 33.60
CA GLU B 245 14.04 30.50 34.41
C GLU B 245 14.74 31.72 33.78
N GLY B 246 15.29 31.54 32.59
CA GLY B 246 15.83 32.65 31.82
C GLY B 246 17.34 32.88 31.95
N TYR B 247 18.01 32.03 32.71
CA TYR B 247 19.45 32.21 32.96
C TYR B 247 20.30 31.49 31.90
N TYR B 248 21.39 32.13 31.48
CA TYR B 248 22.25 31.61 30.43
C TYR B 248 22.88 30.28 30.81
N THR B 249 22.77 29.30 29.90
CA THR B 249 23.17 27.92 30.16
C THR B 249 23.91 27.35 28.95
N ILE B 250 24.67 26.28 29.18
CA ILE B 250 25.44 25.65 28.11
C ILE B 250 25.46 24.13 28.33
N GLY B 251 25.78 23.40 27.27
CA GLY B 251 26.02 21.96 27.38
C GLY B 251 24.92 21.21 28.11
N ILE B 252 25.30 20.48 29.16
CA ILE B 252 24.34 19.67 29.92
C ILE B 252 23.93 20.35 31.22
N GLY B 253 22.86 21.12 31.16
CA GLY B 253 22.33 21.84 32.31
C GLY B 253 23.38 22.60 33.11
N HIS B 254 24.32 23.23 32.41
CA HIS B 254 25.37 23.98 33.10
C HIS B 254 25.09 25.48 33.15
N LEU B 255 24.63 25.95 34.30
CA LEU B 255 24.35 27.37 34.48
C LEU B 255 25.63 28.21 34.48
N LEU B 256 25.70 29.19 33.59
CA LEU B 256 26.86 30.07 33.50
C LEU B 256 26.76 31.23 34.47
N THR B 257 25.68 32.01 34.35
CA THR B 257 25.43 33.12 35.27
C THR B 257 23.95 33.45 35.32
N LYS B 258 23.56 34.25 36.31
CA LYS B 258 22.21 34.77 36.39
C LYS B 258 22.21 36.23 35.93
N SER B 259 23.40 36.78 35.69
CA SER B 259 23.50 38.14 35.14
C SER B 259 23.10 38.11 33.67
N PRO B 260 22.31 39.12 33.24
CA PRO B 260 21.78 39.09 31.86
C PRO B 260 22.66 39.83 30.85
N SER B 261 23.97 39.64 30.92
CA SER B 261 24.87 40.37 30.04
C SER B 261 25.17 39.59 28.76
N LEU B 262 25.17 38.27 28.87
CA LEU B 262 25.57 37.41 27.75
C LEU B 262 27.09 37.46 27.53
N ASN B 263 27.70 38.60 27.82
CA ASN B 263 29.14 38.72 27.81
C ASN B 263 29.75 38.14 29.08
N ALA B 264 29.03 38.23 30.19
CA ALA B 264 29.45 37.58 31.43
C ALA B 264 29.27 36.08 31.28
N ALA B 265 28.17 35.68 30.66
CA ALA B 265 27.95 34.28 30.35
C ALA B 265 29.10 33.78 29.50
N LYS B 266 29.45 34.56 28.47
CA LYS B 266 30.56 34.23 27.59
C LYS B 266 31.88 34.23 28.37
N SER B 267 32.05 35.18 29.29
CA SER B 267 33.26 35.29 30.10
C SER B 267 33.35 34.14 31.10
N GLU B 268 32.20 33.64 31.52
CA GLU B 268 32.15 32.54 32.47
C GLU B 268 32.48 31.25 31.74
N LEU B 269 32.01 31.16 30.51
CA LEU B 269 32.27 29.99 29.67
C LEU B 269 33.71 30.00 29.21
N ASP B 270 34.20 31.16 28.79
CA ASP B 270 35.58 31.29 28.33
C ASP B 270 36.55 30.87 29.45
N LYS B 271 36.18 31.13 30.70
CA LYS B 271 36.90 30.61 31.85
C LYS B 271 36.38 29.19 32.18
N ALA B 272 37.25 28.31 32.69
CA ALA B 272 36.89 26.93 33.03
C ALA B 272 36.84 25.99 31.82
N ILE B 273 36.70 26.56 30.63
CA ILE B 273 36.90 25.80 29.41
C ILE B 273 38.38 25.90 29.03
N GLY B 274 38.94 27.11 29.17
CA GLY B 274 40.35 27.31 28.91
C GLY B 274 40.65 28.05 27.61
N ARG B 275 39.59 28.47 26.92
CA ARG B 275 39.76 29.19 25.67
C ARG B 275 38.65 30.23 25.52
N ASN B 276 38.73 31.04 24.47
CA ASN B 276 37.65 31.93 24.09
C ASN B 276 36.66 31.17 23.20
N THR B 277 35.49 30.89 23.75
CA THR B 277 34.49 30.06 23.09
C THR B 277 33.57 30.86 22.17
N ASN B 278 33.33 32.11 22.53
CA ASN B 278 32.41 32.96 21.77
C ASN B 278 30.98 32.43 21.82
N GLY B 279 30.67 31.67 22.87
CA GLY B 279 29.34 31.14 23.06
C GLY B 279 29.12 29.78 22.43
N VAL B 280 30.19 29.18 21.91
CA VAL B 280 30.08 27.88 21.26
C VAL B 280 31.18 26.94 21.74
N ILE B 281 30.79 25.74 22.16
CA ILE B 281 31.75 24.73 22.61
C ILE B 281 31.56 23.45 21.82
N THR B 282 32.61 22.62 21.81
CA THR B 282 32.52 21.30 21.21
C THR B 282 31.81 20.38 22.17
N LYS B 283 31.41 19.21 21.68
CA LYS B 283 30.67 18.25 22.48
C LYS B 283 31.60 17.67 23.56
N ASP B 284 32.91 17.59 23.25
CA ASP B 284 33.88 17.07 24.21
C ASP B 284 34.01 18.01 25.41
N GLU B 285 34.02 19.31 25.13
CA GLU B 285 34.09 20.31 26.18
C GLU B 285 32.84 20.27 27.04
N ALA B 286 31.72 19.89 26.45
CA ALA B 286 30.46 19.79 27.16
C ALA B 286 30.50 18.69 28.22
N GLU B 287 31.12 17.57 27.87
CA GLU B 287 31.32 16.48 28.83
C GLU B 287 32.32 16.87 29.91
N LYS B 288 33.44 17.46 29.51
CA LYS B 288 34.39 17.98 30.49
C LYS B 288 33.63 18.71 31.60
N LEU B 289 32.78 19.67 31.21
CA LEU B 289 31.96 20.42 32.15
C LEU B 289 30.96 19.56 32.89
N PHE B 290 30.28 18.70 32.14
CA PHE B 290 29.27 17.82 32.71
C PHE B 290 29.88 16.90 33.75
N ASN B 291 31.00 16.28 33.39
CA ASN B 291 31.73 15.43 34.33
C ASN B 291 32.06 16.21 35.60
N GLN B 292 32.41 17.49 35.45
CA GLN B 292 32.75 18.32 36.60
C GLN B 292 31.51 18.57 37.47
N ASP B 293 30.39 18.85 36.83
CA ASP B 293 29.15 19.06 37.57
C ASP B 293 28.73 17.80 38.32
N VAL B 294 28.92 16.64 37.71
CA VAL B 294 28.57 15.37 38.34
C VAL B 294 29.49 15.12 39.53
N ASP B 295 30.81 15.21 39.31
CA ASP B 295 31.77 15.02 40.39
C ASP B 295 31.42 15.96 41.54
N ALA B 296 30.98 17.16 41.19
CA ALA B 296 30.62 18.17 42.18
C ALA B 296 29.39 17.73 42.97
N ALA B 297 28.38 17.23 42.27
CA ALA B 297 27.19 16.70 42.91
C ALA B 297 27.54 15.56 43.88
N VAL B 298 28.40 14.64 43.42
CA VAL B 298 28.80 13.49 44.24
C VAL B 298 29.60 13.95 45.47
N ARG B 299 30.57 14.84 45.25
CA ARG B 299 31.32 15.43 46.35
C ARG B 299 30.36 16.15 47.29
N GLY B 300 29.30 16.71 46.73
CA GLY B 300 28.31 17.40 47.53
C GLY B 300 27.62 16.40 48.44
N ILE B 301 27.26 15.25 47.88
CA ILE B 301 26.53 14.22 48.62
C ILE B 301 27.35 13.71 49.82
N LEU B 302 28.63 13.45 49.58
CA LEU B 302 29.49 12.84 50.58
C LEU B 302 29.82 13.78 51.74
N ARG B 303 29.80 15.08 51.47
CA ARG B 303 30.05 16.07 52.51
C ARG B 303 28.81 16.33 53.36
N ASN B 304 27.64 16.14 52.77
CA ASN B 304 26.39 16.30 53.49
C ASN B 304 26.07 15.08 54.34
N ALA B 305 25.87 15.29 55.64
CA ALA B 305 25.70 14.18 56.57
C ALA B 305 24.37 13.44 56.43
N LYS B 306 23.35 14.13 55.91
CA LYS B 306 22.05 13.50 55.72
C LYS B 306 22.01 12.67 54.46
N LEU B 307 22.80 13.04 53.46
CA LEU B 307 22.77 12.35 52.18
C LEU B 307 23.78 11.21 52.11
N LYS B 308 24.94 11.41 52.73
CA LYS B 308 26.04 10.43 52.68
C LYS B 308 25.58 9.02 53.07
N PRO B 309 25.07 8.85 54.31
CA PRO B 309 24.67 7.50 54.73
C PRO B 309 23.63 6.88 53.81
N VAL B 310 22.71 7.70 53.31
CA VAL B 310 21.74 7.23 52.33
C VAL B 310 22.42 6.81 51.04
N TYR B 311 23.30 7.67 50.55
CA TYR B 311 24.01 7.40 49.32
C TYR B 311 24.76 6.09 49.42
N ASP B 312 25.40 5.89 50.57
CA ASP B 312 26.23 4.70 50.74
C ASP B 312 25.39 3.42 50.67
N SER B 313 24.20 3.46 51.28
CA SER B 313 23.36 2.26 51.36
C SER B 313 22.66 1.96 50.05
N LEU B 314 22.66 2.93 49.13
CA LEU B 314 21.93 2.76 47.89
C LEU B 314 22.73 2.00 46.82
N ASP B 315 22.01 1.27 45.98
CA ASP B 315 22.62 0.56 44.86
C ASP B 315 22.97 1.53 43.75
N ALA B 316 23.74 1.07 42.76
CA ALA B 316 24.25 1.95 41.72
C ALA B 316 23.15 2.78 41.06
N VAL B 317 22.06 2.13 40.67
CA VAL B 317 20.98 2.78 39.91
C VAL B 317 20.29 3.86 40.74
N ARG B 318 19.94 3.55 41.99
CA ARG B 318 19.28 4.51 42.85
C ARG B 318 20.27 5.61 43.29
N ARG B 319 21.56 5.28 43.37
CA ARG B 319 22.58 6.30 43.63
C ARG B 319 22.51 7.39 42.56
N ALA B 320 22.42 6.96 41.31
CA ALA B 320 22.25 7.86 40.18
C ALA B 320 21.00 8.74 40.36
N ALA B 321 19.90 8.13 40.79
CA ALA B 321 18.66 8.85 41.06
C ALA B 321 18.88 9.95 42.07
N LEU B 322 19.73 9.69 43.05
CA LEU B 322 19.99 10.68 44.08
C LEU B 322 20.88 11.78 43.53
N ILE B 323 21.86 11.39 42.71
CA ILE B 323 22.76 12.36 42.10
C ILE B 323 22.00 13.26 41.13
N ASN B 324 21.04 12.68 40.42
CA ASN B 324 20.19 13.44 39.51
C ASN B 324 19.53 14.61 40.29
N MET B 325 18.87 14.29 41.40
CA MET B 325 18.16 15.29 42.20
C MET B 325 19.05 16.43 42.66
N VAL B 326 20.21 16.09 43.20
CA VAL B 326 21.15 17.10 43.66
C VAL B 326 21.57 17.94 42.47
N PHE B 327 21.85 17.27 41.36
CA PHE B 327 22.26 17.93 40.13
C PHE B 327 21.26 19.02 39.75
N GLN B 328 19.99 18.77 40.04
CA GLN B 328 18.91 19.68 39.64
C GLN B 328 18.66 20.78 40.65
N MET B 329 18.36 20.39 41.88
CA MET B 329 17.95 21.33 42.91
C MET B 329 19.01 21.58 43.99
N GLY B 330 20.12 20.85 43.91
CA GLY B 330 21.24 21.11 44.79
C GLY B 330 21.27 20.31 46.07
N GLU B 331 22.48 20.01 46.52
CA GLU B 331 22.71 19.24 47.74
C GLU B 331 21.69 19.59 48.83
N THR B 332 21.79 20.80 49.38
CA THR B 332 20.90 21.22 50.45
C THR B 332 19.42 20.98 50.13
N GLY B 333 18.99 21.41 48.94
CA GLY B 333 17.61 21.22 48.53
C GLY B 333 17.15 19.79 48.72
N VAL B 334 17.97 18.84 48.29
CA VAL B 334 17.61 17.44 48.36
C VAL B 334 17.55 16.93 49.79
N ALA B 335 18.43 17.44 50.66
CA ALA B 335 18.52 16.97 52.03
C ALA B 335 17.30 17.34 52.88
N GLY B 336 16.39 18.13 52.31
CA GLY B 336 15.18 18.50 53.02
C GLY B 336 14.10 17.45 52.94
N PHE B 337 14.33 16.42 52.12
CA PHE B 337 13.38 15.32 51.98
C PHE B 337 13.62 14.25 53.05
N THR B 338 13.77 14.70 54.30
CA THR B 338 14.22 13.83 55.38
C THR B 338 13.40 12.58 55.56
N ASN B 339 12.08 12.71 55.43
CA ASN B 339 11.22 11.54 55.50
C ASN B 339 11.48 10.57 54.35
N SER B 340 11.66 11.09 53.14
CA SER B 340 11.88 10.22 51.99
C SER B 340 13.25 9.58 52.09
N LEU B 341 14.22 10.36 52.56
CA LEU B 341 15.59 9.87 52.68
C LEU B 341 15.69 8.70 53.66
N ARG B 342 14.99 8.83 54.79
CA ARG B 342 14.94 7.78 55.80
C ARG B 342 14.38 6.49 55.20
N MET B 343 13.27 6.61 54.46
CA MET B 343 12.63 5.45 53.87
C MET B 343 13.50 4.82 52.78
N LEU B 344 14.33 5.63 52.14
CA LEU B 344 15.23 5.13 51.11
C LEU B 344 16.37 4.34 51.71
N GLN B 345 16.81 4.76 52.89
CA GLN B 345 17.86 4.03 53.58
C GLN B 345 17.30 2.77 54.25
N GLN B 346 15.98 2.63 54.30
CA GLN B 346 15.36 1.43 54.84
C GLN B 346 14.91 0.50 53.71
N LYS B 347 15.27 0.87 52.48
CA LYS B 347 14.96 0.08 51.28
C LYS B 347 13.45 -0.02 51.02
N ARG B 348 12.70 0.92 51.56
CA ARG B 348 11.25 0.94 51.33
C ARG B 348 10.93 1.99 50.27
N TRP B 349 10.96 1.54 49.03
CA TRP B 349 10.95 2.42 47.87
C TRP B 349 9.59 3.03 47.61
N ASP B 350 8.56 2.19 47.61
CA ASP B 350 7.21 2.65 47.28
C ASP B 350 6.79 3.74 48.25
N GLU B 351 7.06 3.50 49.53
CA GLU B 351 6.63 4.41 50.57
C GLU B 351 7.35 5.74 50.39
N ALA B 352 8.59 5.68 49.90
CA ALA B 352 9.41 6.86 49.67
C ALA B 352 8.95 7.61 48.43
N ALA B 353 8.71 6.86 47.36
CA ALA B 353 8.20 7.44 46.12
C ALA B 353 6.92 8.23 46.35
N VAL B 354 6.07 7.76 47.26
CA VAL B 354 4.82 8.43 47.56
C VAL B 354 5.07 9.79 48.18
N ASN B 355 6.06 9.86 49.06
CA ASN B 355 6.41 11.12 49.70
C ASN B 355 6.97 12.11 48.67
N LEU B 356 7.91 11.65 47.87
CA LEU B 356 8.55 12.53 46.88
C LEU B 356 7.55 13.12 45.90
N ALA B 357 6.50 12.37 45.59
CA ALA B 357 5.48 12.87 44.69
C ALA B 357 4.71 14.03 45.34
N LYS B 358 4.83 14.18 46.65
CA LYS B 358 4.14 15.28 47.34
C LYS B 358 4.96 16.57 47.34
N SER B 359 6.23 16.48 46.94
CA SER B 359 7.13 17.62 46.91
C SER B 359 6.79 18.65 45.83
N ARG B 360 7.18 19.90 46.06
CA ARG B 360 6.98 20.93 45.05
C ARG B 360 7.83 20.58 43.84
N TRP B 361 8.92 19.85 44.08
CA TRP B 361 9.78 19.42 43.01
C TRP B 361 8.99 18.62 41.98
N TYR B 362 8.00 17.86 42.46
CA TYR B 362 7.19 17.01 41.60
C TYR B 362 6.14 17.82 40.85
N ASN B 363 5.66 18.90 41.46
CA ASN B 363 4.66 19.76 40.87
C ASN B 363 5.26 20.69 39.81
N GLN B 364 6.46 21.21 40.11
CA GLN B 364 7.13 22.14 39.21
C GLN B 364 7.67 21.42 37.98
N THR B 365 8.30 20.26 38.19
CA THR B 365 8.88 19.52 37.08
C THR B 365 8.42 18.07 37.07
N PRO B 366 7.13 17.84 36.85
CA PRO B 366 6.49 16.52 36.94
C PRO B 366 7.16 15.46 36.08
N ASN B 367 7.29 15.73 34.80
CA ASN B 367 7.86 14.74 33.90
C ASN B 367 9.16 14.17 34.46
N ARG B 368 10.12 15.03 34.75
CA ARG B 368 11.40 14.57 35.26
C ARG B 368 11.24 13.83 36.59
N ALA B 369 10.53 14.45 37.53
CA ALA B 369 10.38 13.92 38.87
C ALA B 369 9.83 12.50 38.82
N LYS B 370 8.82 12.30 37.97
CA LYS B 370 8.19 10.99 37.86
C LYS B 370 9.22 9.97 37.37
N ARG B 371 10.09 10.37 36.46
CA ARG B 371 11.14 9.47 35.97
C ARG B 371 12.12 9.17 37.10
N VAL B 372 12.53 10.21 37.83
CA VAL B 372 13.49 10.03 38.90
C VAL B 372 12.91 9.18 40.02
N ILE B 373 11.65 9.43 40.36
CA ILE B 373 10.98 8.71 41.43
C ILE B 373 10.74 7.25 41.05
N THR B 374 10.38 7.01 39.80
CA THR B 374 10.17 5.65 39.31
C THR B 374 11.46 4.85 39.42
N THR B 375 12.59 5.52 39.19
CA THR B 375 13.88 4.88 39.28
C THR B 375 14.13 4.40 40.72
N PHE B 376 13.87 5.29 41.69
CA PHE B 376 13.91 4.92 43.12
C PHE B 376 12.93 3.80 43.44
N ARG B 377 11.82 3.76 42.71
CA ARG B 377 10.80 2.74 42.93
C ARG B 377 11.25 1.40 42.36
N THR B 378 11.59 1.36 41.08
CA THR B 378 11.93 0.10 40.44
C THR B 378 13.40 -0.32 40.61
N GLY B 379 14.29 0.65 40.75
CA GLY B 379 15.71 0.36 40.86
C GLY B 379 16.31 0.00 39.52
N THR B 380 15.66 0.49 38.47
CA THR B 380 16.07 0.19 37.11
C THR B 380 15.96 1.45 36.25
N TRP B 381 16.45 1.36 35.02
CA TRP B 381 16.40 2.50 34.12
C TRP B 381 15.14 2.47 33.26
N ASP B 382 14.15 1.70 33.68
CA ASP B 382 12.92 1.56 32.90
C ASP B 382 12.29 2.92 32.56
N ALA B 383 12.51 3.91 33.41
CA ALA B 383 11.91 5.22 33.21
C ALA B 383 12.61 5.98 32.09
N TYR B 384 13.69 5.42 31.57
CA TYR B 384 14.50 6.09 30.55
C TYR B 384 14.62 5.26 29.28
N ARG B 385 13.51 4.64 28.88
CA ARG B 385 13.46 3.92 27.61
C ARG B 385 12.20 4.24 26.83
N GLU B 386 12.14 3.75 25.60
CA GLU B 386 10.99 4.00 24.76
C GLU B 386 9.90 2.96 25.00
N LYS B 387 9.42 2.82 26.23
CA LYS B 387 8.31 1.91 26.49
C LYS B 387 8.70 0.43 26.26
N ASP B 388 8.13 -0.19 25.23
CA ASP B 388 8.41 -1.60 24.97
C ASP B 388 9.57 -1.74 24.01
N ARG B 389 10.68 -1.09 24.35
CA ARG B 389 11.93 -1.35 23.67
C ARG B 389 12.68 -2.41 24.49
N ASN B 390 12.06 -2.86 25.58
CA ASN B 390 12.61 -3.90 26.45
C ASN B 390 13.00 -5.16 25.66
N LEU B 391 12.05 -5.68 24.89
CA LEU B 391 12.34 -6.76 23.97
C LEU B 391 12.64 -6.14 22.61
N ARG B 392 13.45 -6.82 21.81
CA ARG B 392 13.86 -6.29 20.51
C ARG B 392 12.74 -6.39 19.47
N ARG B 393 12.85 -5.60 18.40
CA ARG B 393 11.92 -5.64 17.28
C ARG B 393 11.45 -7.07 16.97
N ILE B 394 12.41 -7.98 16.80
CA ILE B 394 12.11 -9.35 16.39
C ILE B 394 11.58 -10.23 17.52
N THR B 395 12.15 -10.10 18.71
CA THR B 395 11.70 -10.88 19.85
C THR B 395 10.26 -10.49 20.19
N ARG B 396 9.97 -9.20 20.20
CA ARG B 396 8.62 -8.72 20.38
C ARG B 396 7.68 -9.42 19.41
N LEU B 397 8.05 -9.39 18.12
CA LEU B 397 7.27 -10.05 17.08
C LEU B 397 6.88 -11.47 17.49
N VAL B 398 7.88 -12.29 17.79
CA VAL B 398 7.66 -13.68 18.13
C VAL B 398 6.72 -13.84 19.33
N LEU B 399 6.92 -13.01 20.34
CA LEU B 399 6.10 -13.07 21.55
C LEU B 399 4.65 -12.69 21.27
N VAL B 400 4.44 -11.78 20.35
CA VAL B 400 3.08 -11.43 19.98
C VAL B 400 2.47 -12.58 19.18
N VAL B 401 3.23 -13.14 18.24
CA VAL B 401 2.71 -14.21 17.40
C VAL B 401 2.38 -15.46 18.21
N VAL B 402 3.19 -15.73 19.23
CA VAL B 402 2.92 -16.82 20.16
C VAL B 402 1.65 -16.54 20.96
N ALA B 403 1.57 -15.36 21.55
CA ALA B 403 0.41 -14.97 22.34
C ALA B 403 -0.87 -15.21 21.57
N VAL B 404 -1.02 -14.53 20.42
CA VAL B 404 -2.25 -14.62 19.65
C VAL B 404 -2.55 -16.08 19.36
N PHE B 405 -1.54 -16.83 18.95
CA PHE B 405 -1.72 -18.24 18.67
C PHE B 405 -2.36 -18.97 19.86
N VAL B 406 -1.75 -18.87 21.03
CA VAL B 406 -2.31 -19.47 22.23
C VAL B 406 -3.74 -19.03 22.53
N VAL B 407 -3.97 -17.73 22.53
CA VAL B 407 -5.32 -17.24 22.76
C VAL B 407 -6.29 -17.88 21.77
N CYS B 408 -5.85 -18.07 20.53
CA CYS B 408 -6.75 -18.53 19.48
C CYS B 408 -6.98 -20.04 19.52
N TRP B 409 -5.94 -20.79 19.90
CA TRP B 409 -5.99 -22.24 19.88
C TRP B 409 -6.38 -22.84 21.23
N THR B 410 -6.49 -22.01 22.26
CA THR B 410 -6.87 -22.52 23.57
C THR B 410 -8.32 -22.99 23.60
N PRO B 411 -9.23 -22.18 23.05
CA PRO B 411 -10.65 -22.54 23.04
C PRO B 411 -10.92 -23.90 22.39
N ILE B 412 -10.41 -24.10 21.18
CA ILE B 412 -10.66 -25.35 20.46
C ILE B 412 -10.06 -26.55 21.20
N HIS B 413 -8.87 -26.36 21.77
CA HIS B 413 -8.19 -27.46 22.46
C HIS B 413 -8.98 -27.92 23.68
N ILE B 414 -9.33 -26.98 24.57
CA ILE B 414 -10.09 -27.33 25.74
C ILE B 414 -11.46 -27.89 25.33
N PHE B 415 -12.07 -27.28 24.32
CA PHE B 415 -13.39 -27.75 23.87
C PHE B 415 -13.32 -29.23 23.50
N ILE B 416 -12.46 -29.56 22.54
CA ILE B 416 -12.33 -30.93 22.05
C ILE B 416 -12.11 -31.88 23.20
N LEU B 417 -11.29 -31.45 24.16
CA LEU B 417 -10.97 -32.29 25.30
C LEU B 417 -12.18 -32.46 26.22
N VAL B 418 -12.88 -31.36 26.50
CA VAL B 418 -14.04 -31.44 27.40
C VAL B 418 -15.08 -32.41 26.85
N GLU B 419 -15.53 -32.21 25.62
CA GLU B 419 -16.53 -33.10 25.04
C GLU B 419 -16.06 -34.55 25.04
N ALA B 420 -14.75 -34.74 24.87
CA ALA B 420 -14.18 -36.09 24.82
C ALA B 420 -14.35 -36.82 26.15
N LEU B 421 -14.29 -36.08 27.25
CA LEU B 421 -14.49 -36.64 28.58
C LEU B 421 -15.98 -36.78 28.91
N GLY B 422 -16.74 -35.71 28.69
CA GLY B 422 -18.17 -35.71 28.96
C GLY B 422 -19.00 -36.25 27.81
N SER B 427 -26.73 -31.67 24.96
CA SER B 427 -25.48 -31.01 24.58
C SER B 427 -25.32 -30.97 23.07
N THR B 428 -26.42 -30.72 22.36
CA THR B 428 -26.40 -30.67 20.90
C THR B 428 -26.46 -29.24 20.38
N ALA B 429 -26.72 -28.28 21.27
CA ALA B 429 -26.80 -26.87 20.89
C ALA B 429 -25.43 -26.19 20.99
N ALA B 430 -24.46 -26.89 21.58
CA ALA B 430 -23.11 -26.35 21.72
C ALA B 430 -22.38 -26.40 20.39
N LEU B 431 -23.02 -26.99 19.39
CA LEU B 431 -22.43 -27.08 18.05
C LEU B 431 -21.95 -25.71 17.58
N SER B 432 -22.62 -24.66 18.04
CA SER B 432 -22.23 -23.30 17.70
C SER B 432 -20.91 -22.90 18.34
N SER B 433 -20.60 -23.48 19.50
CA SER B 433 -19.32 -23.22 20.16
C SER B 433 -18.16 -23.80 19.36
N TYR B 434 -18.26 -25.07 19.00
CA TYR B 434 -17.26 -25.74 18.17
C TYR B 434 -16.92 -24.91 16.96
N TYR B 435 -17.93 -24.32 16.35
CA TYR B 435 -17.72 -23.54 15.16
C TYR B 435 -17.02 -22.21 15.46
N PHE B 436 -17.33 -21.61 16.60
CA PHE B 436 -16.64 -20.40 17.02
C PHE B 436 -15.19 -20.72 17.37
N CYS B 437 -14.97 -21.88 17.98
CA CYS B 437 -13.63 -22.25 18.42
C CYS B 437 -12.71 -22.47 17.22
N ILE B 438 -13.23 -23.07 16.16
CA ILE B 438 -12.42 -23.31 14.98
C ILE B 438 -12.30 -22.04 14.15
N ALA B 439 -13.17 -21.07 14.42
CA ALA B 439 -13.08 -19.78 13.75
C ALA B 439 -11.85 -19.05 14.27
N LEU B 440 -11.55 -19.22 15.56
CA LEU B 440 -10.34 -18.64 16.15
C LEU B 440 -9.08 -19.24 15.54
N GLY B 441 -9.14 -20.54 15.27
CA GLY B 441 -8.01 -21.22 14.68
C GLY B 441 -7.78 -20.75 13.27
N TYR B 442 -8.85 -20.74 12.48
CA TYR B 442 -8.73 -20.24 11.11
C TYR B 442 -8.26 -18.78 11.13
N THR B 443 -8.84 -18.00 12.04
CA THR B 443 -8.54 -16.57 12.11
C THR B 443 -7.07 -16.30 12.42
N ASN B 444 -6.50 -17.12 13.30
CA ASN B 444 -5.10 -16.99 13.65
C ASN B 444 -4.18 -17.18 12.46
N SER B 445 -4.58 -18.04 11.53
CA SER B 445 -3.76 -18.30 10.34
C SER B 445 -3.68 -17.08 9.46
N SER B 446 -4.74 -16.28 9.43
CA SER B 446 -4.76 -15.10 8.59
C SER B 446 -4.24 -13.88 9.35
N LEU B 447 -4.09 -14.01 10.66
CA LEU B 447 -3.57 -12.92 11.46
C LEU B 447 -2.06 -12.81 11.35
N ASN B 448 -1.38 -13.95 11.32
CA ASN B 448 0.07 -13.94 11.31
C ASN B 448 0.60 -12.99 10.22
N PRO B 449 0.22 -13.24 8.95
CA PRO B 449 0.70 -12.37 7.87
C PRO B 449 0.57 -10.90 8.21
N ILE B 450 -0.52 -10.50 8.84
CA ILE B 450 -0.71 -9.10 9.19
C ILE B 450 0.25 -8.67 10.28
N LEU B 451 0.46 -9.54 11.27
CA LEU B 451 1.39 -9.24 12.35
C LEU B 451 2.82 -9.09 11.84
N TYR B 452 3.25 -9.98 10.95
CA TYR B 452 4.59 -9.88 10.37
C TYR B 452 4.81 -8.48 9.81
N ALA B 453 3.81 -7.96 9.10
CA ALA B 453 3.91 -6.66 8.45
C ALA B 453 4.07 -5.52 9.44
N PHE B 454 3.25 -5.53 10.49
CA PHE B 454 3.23 -4.42 11.45
C PHE B 454 4.39 -4.46 12.45
N LEU B 455 4.88 -5.66 12.73
CA LEU B 455 5.89 -5.86 13.77
C LEU B 455 7.30 -6.12 13.23
N ASP B 456 7.44 -6.18 11.92
CA ASP B 456 8.76 -6.34 11.28
C ASP B 456 8.92 -5.39 10.10
N GLU B 457 9.90 -4.50 10.22
CA GLU B 457 10.14 -3.50 9.19
C GLU B 457 10.51 -4.16 7.87
N ASN B 458 11.21 -5.28 7.94
CA ASN B 458 11.62 -5.97 6.72
C ASN B 458 10.45 -6.57 5.95
N PHE B 459 9.62 -7.38 6.61
CA PHE B 459 8.43 -7.89 5.93
C PHE B 459 7.67 -6.71 5.34
N LYS B 460 7.39 -5.72 6.18
CA LYS B 460 6.65 -4.54 5.73
C LYS B 460 7.30 -4.00 4.47
N ARG B 461 8.62 -4.02 4.44
CA ARG B 461 9.38 -3.46 3.33
C ARG B 461 9.23 -4.32 2.08
N CYS B 462 9.33 -5.64 2.22
CA CYS B 462 9.30 -6.53 1.08
C CYS B 462 7.89 -6.72 0.53
N PHE B 463 6.89 -6.67 1.40
CA PHE B 463 5.50 -6.69 0.95
C PHE B 463 5.29 -5.50 0.02
N ARG B 464 5.77 -4.35 0.46
CA ARG B 464 5.64 -3.11 -0.30
C ARG B 464 6.10 -3.31 -1.73
N ASP B 465 7.36 -3.70 -1.90
CA ASP B 465 7.96 -3.87 -3.22
C ASP B 465 7.18 -4.87 -4.06
N PHE B 466 6.69 -5.91 -3.42
CA PHE B 466 6.01 -6.97 -4.15
C PHE B 466 4.62 -6.52 -4.65
N CYS B 467 3.87 -5.91 -3.74
CA CYS B 467 2.51 -5.44 -4.03
C CYS B 467 2.49 -4.18 -4.90
N PHE B 468 3.38 -3.23 -4.57
CA PHE B 468 3.37 -1.92 -5.23
C PHE B 468 4.77 -1.47 -5.66
N PRO B 469 5.30 -2.08 -6.74
CA PRO B 469 6.60 -1.67 -7.32
C PRO B 469 6.58 -0.20 -7.76
C1 JDC C . -31.16 -5.61 -11.75
N2 JDC C . -30.23 -6.52 -11.18
C3 JDC C . -28.91 -6.27 -11.64
C4 JDC C . -28.81 -6.53 -13.14
C4A JDC C . -29.96 -5.88 -13.87
C5 JDC C . -29.91 -5.71 -15.31
C6 JDC C . -31.01 -5.10 -16.00
C7 JDC C . -32.12 -4.68 -15.29
O7 JDC C . -33.16 -4.10 -15.92
C8 JDC C . -32.16 -4.85 -13.90
C8A JDC C . -31.04 -5.47 -13.20
C1A JDC C . -27.92 -7.12 -10.83
O1 JDC C . -28.12 -8.33 -10.69
N2A JDC C . -26.77 -6.48 -10.23
C2A JDC C . -25.83 -7.23 -9.46
C3A JDC C . -24.48 -6.88 -10.10
C3D JDC C . -24.45 -7.21 -11.65
C3B JDC C . -23.30 -7.37 -9.34
C4D JDC C . -25.86 -6.87 -7.99
N11 JDC C . -27.11 -7.33 -7.19
C21 JDC C . -27.29 -8.77 -7.23
C31 JDC C . -28.64 -9.20 -6.78
C34 JDC C . -29.68 -8.82 -7.90
C41 JDC C . -29.03 -8.62 -5.50
C51 JDC C . -28.85 -7.19 -5.48
C61 JDC C . -27.51 -6.75 -5.93
C4E JDC C . -28.07 -9.13 -4.43
C1C JDC C . -30.43 -9.09 -5.10
C2C JDC C . -30.76 -10.45 -5.21
C3C JDC C . -32.04 -10.89 -4.83
O3C JDC C . -32.39 -12.29 -4.97
C4C JDC C . -33.01 -9.95 -4.34
C5C JDC C . -32.68 -8.61 -4.23
C6C JDC C . -31.39 -8.16 -4.60
C1 CIT D . 21.04 27.73 -31.24
O1 CIT D . 21.39 26.61 -30.79
O2 CIT D . 20.00 28.25 -30.79
C2 CIT D . 21.86 28.40 -32.32
C3 CIT D . 22.91 29.32 -31.73
O7 CIT D . 22.27 30.46 -31.10
C4 CIT D . 23.84 29.83 -32.83
C5 CIT D . 23.51 31.27 -33.12
O3 CIT D . 22.76 31.56 -34.08
O4 CIT D . 23.98 32.19 -32.41
C6 CIT D . 23.78 28.58 -30.73
O5 CIT D . 24.03 27.36 -30.87
O6 CIT D . 24.26 29.18 -29.75
C1 JDC E . -8.54 -31.83 15.06
N2 JDC E . -9.09 -30.74 14.35
C3 JDC E . -8.55 -29.48 14.76
C4 JDC E . -8.72 -29.22 16.25
C4A JDC E . -8.37 -30.43 17.07
C5 JDC E . -8.13 -30.29 18.50
C6 JDC E . -7.79 -31.42 19.27
C7 JDC E . -7.71 -32.68 18.68
O7 JDC E . -7.39 -33.76 19.40
C8 JDC E . -7.95 -32.80 17.31
C8A JDC E . -8.29 -31.63 16.50
C1A JDC E . -9.18 -28.34 13.98
O1 JDC E . -10.32 -27.94 14.25
N2A JDC E . -8.43 -27.71 12.92
C2A JDC E . -9.01 -26.64 12.20
C3A JDC E . -8.16 -25.43 12.61
C3D JDC E . -8.29 -25.09 14.16
C3B JDC E . -8.27 -24.23 11.76
C4D JDC E . -8.97 -26.84 10.71
N11 JDC E . -9.87 -27.93 10.11
C21 JDC E . -11.28 -27.84 10.45
C31 JDC E . -11.99 -29.13 10.31
C34 JDC E . -11.53 -30.11 11.45
C41 JDC E . -11.74 -29.73 9.00
C51 JDC E . -10.33 -29.88 8.72
C61 JDC E . -9.59 -28.61 8.86
C4E JDC E . -12.28 -28.74 7.96
C1C JDC E . -12.54 -31.01 8.78
C2C JDC E . -13.92 -31.00 9.02
C3C JDC E . -14.66 -32.19 8.82
O3C JDC E . -16.09 -32.18 9.08
C4C JDC E . -14.00 -33.38 8.36
C5C JDC E . -12.64 -33.37 8.12
C6C JDC E . -11.89 -32.19 8.32
C9 OLC F . 11.88 -31.47 16.15
C8 OLC F . 13.02 -31.82 17.07
C24 OLC F . 18.04 -22.10 16.64
C7 OLC F . 14.19 -30.89 16.81
C6 OLC F . 15.17 -30.84 17.98
C5 OLC F . 15.71 -29.42 18.16
C4 OLC F . 17.17 -29.45 18.60
C3 OLC F . 17.55 -28.15 19.29
C2 OLC F . 18.46 -27.27 18.44
C21 OLC F . 19.21 -23.89 17.88
C1 OLC F . 18.58 -25.94 19.16
C22 OLC F . 18.60 -23.51 16.55
O19 OLC F . 18.98 -25.89 20.30
O25 OLC F . 17.22 -21.85 15.49
O23 OLC F . 19.57 -23.59 15.50
O20 OLC F . 18.21 -24.69 18.50
C10 OLC G . 17.78 -25.52 23.61
C9 OLC G . 18.82 -24.72 23.85
C11 OLC G . 16.75 -26.00 24.62
C8 OLC G . 19.18 -24.15 25.19
C24 OLC G . 26.88 -19.16 25.43
C12 OLC G . 15.66 -26.67 23.79
C7 OLC G . 20.63 -24.49 25.50
C13 OLC G . 14.41 -27.03 24.58
C6 OLC G . 21.60 -23.98 24.43
C14 OLC G . 13.40 -27.78 23.70
C5 OLC G . 23.00 -24.59 24.58
C4 OLC G . 23.71 -24.19 25.87
C3 OLC G . 25.06 -24.90 25.90
C2 OLC G . 25.88 -24.64 27.17
C21 OLC G . 27.65 -21.22 26.58
C1 OLC G . 26.97 -23.60 26.96
C22 OLC G . 27.03 -19.86 26.78
O19 OLC G . 28.15 -23.88 27.09
O25 OLC G . 26.50 -17.79 25.62
O23 OLC G . 25.72 -20.01 27.38
O20 OLC G . 26.62 -22.22 26.62
C1 PEG H . -15.62 -41.51 29.30
O1 PEG H . -16.22 -40.85 30.35
C2 PEG H . -16.46 -41.41 28.08
O2 PEG H . -15.84 -42.05 27.02
C3 PEG H . -15.74 -43.43 27.03
C4 PEG H . -17.03 -44.05 26.61
O4 PEG H . -17.81 -44.31 27.72
C1 PEG I . 20.57 -10.57 14.62
O1 PEG I . 21.04 -9.78 15.64
C2 PEG I . 19.11 -10.79 14.81
O2 PEG I . 18.63 -11.42 13.69
C3 PEG I . 17.48 -12.15 13.77
C4 PEG I . 16.98 -12.40 12.39
O4 PEG I . 15.83 -13.18 12.45
#